data_7EPZ
#
_entry.id   7EPZ
#
_cell.length_a   1.00
_cell.length_b   1.00
_cell.length_c   1.00
_cell.angle_alpha   90.00
_cell.angle_beta   90.00
_cell.angle_gamma   90.00
#
_symmetry.space_group_name_H-M   'P 1'
#
loop_
_entity.id
_entity.type
_entity.pdbx_description
1 polymer '4F2 cell-surface antigen heavy chain'
2 polymer 'Cystine/glutamate transporter'
3 branched 2-acetamido-2-deoxy-beta-D-glucopyranose-(1-4)-2-acetamido-2-deoxy-beta-D-glucopyranose
4 non-polymer 2-[(1S)-1-[4-[2-(4-chloranylphenoxy)ethanoyl]piperazin-1-yl]ethyl]-3-(2-ethoxyphenyl)quinazolin-4-one
5 non-polymer 1,2-DISTEAROYL-SN-GLYCERO-3-PHOSPHATE
#
loop_
_entity_poly.entity_id
_entity_poly.type
_entity_poly.pdbx_seq_one_letter_code
_entity_poly.pdbx_strand_id
1 'polypeptide(L)'
;MAHHHHHHHHHHSGRELQPPEASIAVVSIPRQLPGSHSEAGVQGLSAGDDSETGSDCVTQAGLQLLASSDPPALASKNAE
VTVETGFHHVSQADIEFLTSIDPTASASGSAGITGTMSQDTEVDMKEVELNELEPEKQPMNAASGAAMSLAGAEKNGLVK
IKVAEDEAEAAAAAKFTGLSKEELLKVAGSPGWVRTRWALLLLFWLGWLGMLAGAVVIIVRAPRCRELPAQKWWHTGALY
RIGDLQAFQGHGAGNLAGLKGRLDYLSSLKVKGLVLGPIHKNQKDDVAQTDLLQIDPNFGSKEDFDSLLQSAKKKSIRVI
LDLTPNYRGENSWFSTQVDTVATKVKDALEFWLQAGVDGFQVRDIENLKDASSFLAEWQNITKGFSEDRLLIAGTNSSDL
QQILSLLESNKDLLLTSSYLSDSGSTGEHTKSLVTQYLNATGNRWCSWSLSQARLLTSFLPAQLLRLYQLMLFTLPGTPV
FSYGDEIGLDAAALPGQPMEAPVMLWDESSFPDIPGAVSANMTVKGQSEDPGSLLSLFRRLSDQRSKERSLLHGDFHAFS
AGPGLFSYIRHWDQNERFLVVLNFGDVGLSAGLQASDLPASASLPAKADLLLSTQPGREEGSPLELERLKLEPHEGLLLR
FPYAALE
;
A
2 'polypeptide(L)'
;MADYKDDDDKSGPDEVDASGRVRKPVVSTISKGGYLQGNVNGRLPSLGNKEPPGQEKVQLKRKVTLLRGVSIIIGTIIGA
GIFISPKGVLQNTGSVGMSLTIWTVCGVLSLFGALSYAELGTTIKKSGGHYTYILEVFGPLPAFVRVWVELLIIRPAATA
VISLAFGRYILEPFFIQCEIPELAIKLITAVGITVVMVLNSMSVSWSARIQIFLTFCKLTAILIIIVPGVMQLIKGQTQN
FKDAFSGRDSSITRLPLAFYYGMYAYAGWFYLNFVTEEVENPEKTIPLAICISMAIVTIGYVLTNVAYFTTINAEELLLS
NAVAVTFSERLLGNFSLAVPIFVALSCFGSMNGGVFAVSRLFYVASREGHLPEILSMIHVRKHTPLPAVIVLHPLTMIML
FSGDLDSLLNFLSFARWLFIGLAVAGLIYLRYKCPDMHRPFKVPLFIPALFSFTCLFMVALSLYSDPFSTGIGFVITLTG
VPAYYLFIIWDKKPRWFRIMSEKITRTLQIILEVVPEEDKL
;
B
#
loop_
_chem_comp.id
_chem_comp.type
_chem_comp.name
_chem_comp.formula
J9O non-polymer 2-[(1S)-1-[4-[2-(4-chloranylphenoxy)ethanoyl]piperazin-1-yl]ethyl]-3-(2-ethoxyphenyl)quinazolin-4-one 'C30 H31 Cl N4 O4'
NAG D-saccharide, beta linking 2-acetamido-2-deoxy-beta-D-glucopyranose 'C8 H15 N O6'
PX8 non-polymer 1,2-DISTEAROYL-SN-GLYCERO-3-PHOSPHATE 'C39 H76 O8 P -1'
#
# COMPACT_ATOMS: atom_id res chain seq x y z
N GLY A 178 -38.58 23.99 -32.11
CA GLY A 178 -37.99 22.74 -32.52
C GLY A 178 -38.79 22.01 -33.58
N LEU A 179 -38.09 21.34 -34.49
CA LEU A 179 -38.70 20.64 -35.61
C LEU A 179 -39.45 19.41 -35.13
N SER A 180 -40.57 19.11 -35.79
CA SER A 180 -41.34 17.92 -35.44
C SER A 180 -40.91 16.73 -36.29
N LYS A 181 -41.62 15.62 -36.15
CA LYS A 181 -41.30 14.34 -36.80
C LYS A 181 -41.31 14.41 -38.31
N GLU A 182 -42.42 14.86 -38.90
CA GLU A 182 -42.63 14.72 -40.34
C GLU A 182 -41.89 15.79 -41.12
N GLU A 183 -41.48 16.86 -40.43
CA GLU A 183 -40.72 17.92 -41.07
C GLU A 183 -39.23 17.63 -41.01
N LEU A 184 -38.87 16.53 -40.36
CA LEU A 184 -37.46 16.20 -40.15
C LEU A 184 -37.00 15.14 -41.13
N LEU A 185 -37.84 14.14 -41.39
CA LEU A 185 -37.44 13.05 -42.28
C LEU A 185 -37.31 13.50 -43.72
N LYS A 186 -38.01 14.55 -44.12
CA LYS A 186 -37.92 15.04 -45.49
C LYS A 186 -36.82 16.07 -45.68
N VAL A 187 -36.07 16.39 -44.63
CA VAL A 187 -34.91 17.25 -44.79
C VAL A 187 -33.66 16.41 -44.54
N ALA A 188 -33.73 15.52 -43.56
CA ALA A 188 -32.62 14.61 -43.25
C ALA A 188 -32.76 13.31 -44.00
N GLY A 189 -32.97 13.40 -45.31
CA GLY A 189 -32.93 12.26 -46.20
C GLY A 189 -32.32 12.73 -47.50
N SER A 190 -31.96 14.00 -47.52
CA SER A 190 -31.39 14.70 -48.66
C SER A 190 -30.01 14.15 -48.97
N PRO A 191 -29.56 14.25 -50.21
CA PRO A 191 -28.12 14.13 -50.47
C PRO A 191 -27.40 15.32 -49.87
N GLY A 192 -26.15 15.15 -49.50
CA GLY A 192 -25.45 16.20 -48.79
C GLY A 192 -25.57 16.01 -47.30
N TRP A 193 -26.80 16.07 -46.77
CA TRP A 193 -27.00 15.93 -45.33
C TRP A 193 -26.68 14.54 -44.83
N VAL A 194 -26.87 13.52 -45.67
CA VAL A 194 -26.51 12.16 -45.28
C VAL A 194 -25.03 11.89 -45.52
N ARG A 195 -24.43 12.58 -46.49
CA ARG A 195 -23.01 12.36 -46.73
C ARG A 195 -22.17 13.05 -45.67
N THR A 196 -22.61 14.19 -45.15
CA THR A 196 -21.84 14.85 -44.10
C THR A 196 -21.90 14.06 -42.81
N ARG A 197 -23.01 13.36 -42.55
CA ARG A 197 -23.06 12.58 -41.32
C ARG A 197 -22.35 11.23 -41.48
N TRP A 198 -22.31 10.66 -42.69
CA TRP A 198 -21.44 9.51 -42.90
C TRP A 198 -19.97 9.90 -42.76
N ALA A 199 -19.62 11.10 -43.20
CA ALA A 199 -18.26 11.59 -43.05
C ALA A 199 -17.90 11.81 -41.58
N LEU A 200 -18.81 12.40 -40.81
CA LEU A 200 -18.53 12.62 -39.39
C LEU A 200 -18.47 11.30 -38.62
N LEU A 201 -19.29 10.33 -39.00
CA LEU A 201 -19.26 9.02 -38.36
C LEU A 201 -17.92 8.32 -38.61
N LEU A 202 -17.44 8.36 -39.86
CA LEU A 202 -16.14 7.75 -40.14
C LEU A 202 -15.00 8.52 -39.47
N LEU A 203 -15.13 9.83 -39.32
CA LEU A 203 -14.11 10.61 -38.64
C LEU A 203 -14.02 10.26 -37.16
N PHE A 204 -15.18 10.10 -36.52
CA PHE A 204 -15.22 9.69 -35.11
C PHE A 204 -14.63 8.29 -34.93
N TRP A 205 -14.96 7.36 -35.81
CA TRP A 205 -14.43 6.01 -35.68
C TRP A 205 -12.92 5.97 -35.95
N LEU A 206 -12.42 6.82 -36.84
CA LEU A 206 -10.98 6.84 -37.08
C LEU A 206 -10.23 7.47 -35.92
N GLY A 207 -10.82 8.47 -35.25
CA GLY A 207 -10.22 8.97 -34.02
C GLY A 207 -10.18 7.94 -32.91
N TRP A 208 -11.23 7.12 -32.80
CA TRP A 208 -11.25 6.04 -31.81
C TRP A 208 -10.16 5.01 -32.07
N LEU A 209 -10.05 4.54 -33.31
CA LEU A 209 -9.05 3.52 -33.60
C LEU A 209 -7.64 4.09 -33.54
N GLY A 210 -7.48 5.39 -33.80
CA GLY A 210 -6.20 6.03 -33.59
C GLY A 210 -5.78 6.06 -32.13
N MET A 211 -6.73 6.34 -31.23
CA MET A 211 -6.43 6.27 -29.79
C MET A 211 -6.08 4.86 -29.36
N LEU A 212 -6.78 3.86 -29.90
CA LEU A 212 -6.46 2.47 -29.56
C LEU A 212 -5.06 2.07 -30.03
N ALA A 213 -4.70 2.46 -31.25
CA ALA A 213 -3.38 2.09 -31.77
C ALA A 213 -2.27 2.85 -31.05
N GLY A 214 -2.51 4.10 -30.67
CA GLY A 214 -1.54 4.83 -29.87
C GLY A 214 -1.32 4.22 -28.50
N ALA A 215 -2.40 3.73 -27.87
CA ALA A 215 -2.26 3.07 -26.58
C ALA A 215 -1.48 1.77 -26.71
N VAL A 216 -1.70 1.04 -27.81
CA VAL A 216 -0.95 -0.20 -28.04
C VAL A 216 0.53 0.09 -28.24
N VAL A 217 0.85 1.13 -29.03
CA VAL A 217 2.27 1.43 -29.26
C VAL A 217 2.94 2.06 -28.05
N ILE A 218 2.18 2.64 -27.11
CA ILE A 218 2.84 3.10 -25.90
C ILE A 218 2.95 1.96 -24.89
N ILE A 219 2.15 0.91 -25.05
CA ILE A 219 2.33 -0.25 -24.19
C ILE A 219 3.56 -1.03 -24.62
N VAL A 220 3.73 -1.26 -25.93
CA VAL A 220 4.86 -2.05 -26.43
C VAL A 220 6.20 -1.35 -26.25
N ARG A 221 6.24 -0.05 -26.53
CA ARG A 221 7.48 0.72 -26.40
C ARG A 221 7.86 0.96 -24.94
N ALA A 222 7.33 0.13 -24.05
CA ALA A 222 7.61 0.26 -22.63
C ALA A 222 8.84 -0.53 -22.23
N PRO A 223 9.67 0.07 -21.28
CA PRO A 223 10.86 -0.73 -20.93
C PRO A 223 10.53 -2.00 -20.18
N ARG A 224 11.27 -3.07 -20.45
CA ARG A 224 11.05 -4.35 -19.79
C ARG A 224 11.19 -4.18 -18.28
N CYS A 225 11.16 -5.30 -17.55
CA CYS A 225 11.26 -5.26 -16.11
C CYS A 225 11.86 -6.58 -15.66
N ARG A 226 12.90 -6.53 -14.83
CA ARG A 226 13.66 -7.74 -14.53
C ARG A 226 12.97 -8.59 -13.48
N GLU A 227 13.42 -9.83 -13.38
CA GLU A 227 12.73 -10.87 -12.63
C GLU A 227 13.35 -11.03 -11.25
N LEU A 228 12.48 -11.10 -10.23
CA LEU A 228 12.93 -11.13 -8.86
C LEU A 228 13.54 -12.48 -8.50
N PRO A 229 14.63 -12.50 -7.73
CA PRO A 229 15.47 -13.69 -7.63
C PRO A 229 14.91 -14.85 -6.81
N ALA A 230 13.76 -14.67 -6.16
CA ALA A 230 13.13 -15.65 -5.26
C ALA A 230 14.09 -16.04 -4.13
N GLN A 231 14.33 -15.06 -3.26
CA GLN A 231 15.31 -15.16 -2.20
C GLN A 231 14.92 -16.20 -1.15
N LYS A 232 15.90 -16.53 -0.30
CA LYS A 232 15.69 -17.35 0.87
C LYS A 232 15.30 -16.46 2.05
N TRP A 233 15.30 -17.03 3.25
CA TRP A 233 14.88 -16.23 4.41
C TRP A 233 16.05 -15.50 5.04
N TRP A 234 17.25 -16.07 4.99
CA TRP A 234 18.42 -15.42 5.58
C TRP A 234 19.00 -14.35 4.69
N HIS A 235 18.40 -14.10 3.54
CA HIS A 235 18.76 -12.96 2.71
C HIS A 235 18.05 -11.70 3.14
N THR A 236 16.96 -11.82 3.91
CA THR A 236 15.97 -10.76 4.05
C THR A 236 16.17 -9.92 5.30
N GLY A 237 17.15 -10.25 6.14
CA GLY A 237 17.31 -9.51 7.37
C GLY A 237 18.63 -9.87 8.04
N ALA A 238 18.69 -9.57 9.32
CA ALA A 238 19.89 -9.75 10.11
C ALA A 238 19.75 -10.97 11.01
N LEU A 239 20.89 -11.50 11.43
CA LEU A 239 20.92 -12.58 12.41
C LEU A 239 21.45 -12.04 13.73
N TYR A 240 20.98 -12.65 14.82
CA TYR A 240 21.20 -12.16 16.16
C TYR A 240 21.76 -13.28 17.01
N ARG A 241 23.07 -13.24 17.24
CA ARG A 241 23.78 -14.29 17.94
C ARG A 241 23.56 -14.16 19.43
N ILE A 242 23.08 -15.22 20.05
CA ILE A 242 22.91 -15.30 21.50
C ILE A 242 23.82 -16.41 21.97
N GLY A 243 25.03 -16.03 22.40
CA GLY A 243 26.01 -17.04 22.79
C GLY A 243 25.72 -17.60 24.16
N ASP A 244 25.74 -16.75 25.18
CA ASP A 244 25.51 -17.15 26.56
C ASP A 244 24.07 -16.88 26.92
N LEU A 245 23.31 -17.93 27.20
CA LEU A 245 21.89 -17.77 27.49
C LEU A 245 21.63 -17.40 28.94
N GLN A 246 22.55 -17.74 29.84
CA GLN A 246 22.36 -17.41 31.25
C GLN A 246 22.41 -15.91 31.48
N ALA A 247 23.40 -15.24 30.91
CA ALA A 247 23.53 -13.80 31.09
C ALA A 247 22.69 -12.99 30.11
N PHE A 248 21.73 -13.61 29.43
CA PHE A 248 20.90 -12.83 28.52
C PHE A 248 19.68 -12.26 29.24
N GLN A 249 19.11 -13.00 30.18
CA GLN A 249 18.01 -12.48 30.98
C GLN A 249 18.47 -12.12 32.39
N GLY A 250 19.29 -12.96 32.98
CA GLY A 250 19.78 -12.77 34.33
C GLY A 250 20.05 -14.11 34.99
N HIS A 251 20.76 -14.11 36.11
CA HIS A 251 21.10 -15.35 36.78
C HIS A 251 19.88 -15.92 37.49
N GLY A 252 19.70 -17.24 37.35
CA GLY A 252 18.52 -17.92 37.82
C GLY A 252 17.36 -17.93 36.85
N ALA A 253 17.25 -16.91 35.99
CA ALA A 253 16.21 -16.87 34.97
C ALA A 253 16.78 -17.27 33.62
N GLY A 254 17.91 -17.96 33.62
CA GLY A 254 18.58 -18.34 32.38
C GLY A 254 18.17 -19.70 31.85
N ASN A 255 16.88 -19.90 31.68
CA ASN A 255 16.39 -21.12 31.08
C ASN A 255 15.71 -20.79 29.76
N LEU A 256 15.42 -21.82 28.97
CA LEU A 256 14.75 -21.63 27.68
C LEU A 256 13.31 -21.15 27.84
N ALA A 257 12.71 -21.36 29.02
CA ALA A 257 11.36 -20.86 29.25
C ALA A 257 11.34 -19.34 29.32
N GLY A 258 12.35 -18.73 29.93
CA GLY A 258 12.40 -17.28 30.01
C GLY A 258 12.70 -16.62 28.69
N LEU A 259 13.25 -17.37 27.72
CA LEU A 259 13.54 -16.84 26.40
C LEU A 259 12.27 -16.56 25.62
N LYS A 260 11.14 -17.19 25.98
CA LYS A 260 9.90 -16.96 25.24
C LYS A 260 9.30 -15.59 25.54
N GLY A 261 9.71 -14.95 26.64
CA GLY A 261 9.21 -13.63 26.93
C GLY A 261 9.95 -12.50 26.24
N ARG A 262 10.99 -12.81 25.48
CA ARG A 262 11.80 -11.80 24.82
C ARG A 262 11.64 -11.80 23.31
N LEU A 263 10.88 -12.74 22.76
CA LEU A 263 10.73 -12.82 21.31
C LEU A 263 9.93 -11.66 20.75
N ASP A 264 9.08 -11.04 21.56
CA ASP A 264 8.42 -9.81 21.14
C ASP A 264 9.41 -8.67 21.02
N TYR A 265 10.39 -8.60 21.93
CA TYR A 265 11.44 -7.60 21.81
C TYR A 265 12.31 -7.87 20.59
N LEU A 266 12.56 -9.15 20.31
CA LEU A 266 13.33 -9.50 19.12
C LEU A 266 12.59 -9.15 17.84
N SER A 267 11.28 -9.37 17.79
CA SER A 267 10.51 -8.94 16.63
C SER A 267 10.38 -7.43 16.54
N SER A 268 10.50 -6.73 17.65
CA SER A 268 10.63 -5.27 17.59
C SER A 268 11.93 -4.84 16.94
N LEU A 269 13.00 -5.63 17.10
CA LEU A 269 14.25 -5.41 16.37
C LEU A 269 14.15 -5.82 14.92
N LYS A 270 13.15 -6.63 14.57
CA LYS A 270 12.93 -7.17 13.22
C LYS A 270 14.14 -7.97 12.72
N VAL A 271 14.79 -8.68 13.62
CA VAL A 271 15.76 -9.68 13.19
C VAL A 271 14.98 -10.85 12.60
N LYS A 272 15.61 -11.55 11.65
CA LYS A 272 14.94 -12.64 10.97
C LYS A 272 15.36 -14.00 11.47
N GLY A 273 16.51 -14.09 12.15
CA GLY A 273 17.01 -15.35 12.62
C GLY A 273 17.46 -15.26 14.06
N LEU A 274 17.94 -16.38 14.58
CA LEU A 274 18.30 -16.46 15.99
C LEU A 274 19.33 -17.57 16.13
N VAL A 275 20.57 -17.20 16.44
CA VAL A 275 21.66 -18.18 16.52
C VAL A 275 21.83 -18.51 18.00
N LEU A 276 21.11 -19.52 18.46
CA LEU A 276 21.20 -19.89 19.87
C LEU A 276 22.52 -20.58 20.16
N GLY A 277 22.96 -20.46 21.41
CA GLY A 277 24.23 -21.02 21.81
C GLY A 277 24.15 -22.52 21.90
N PRO A 278 25.29 -23.17 22.12
CA PRO A 278 25.29 -24.64 22.22
C PRO A 278 24.62 -25.09 23.51
N ILE A 279 23.40 -25.58 23.41
CA ILE A 279 22.63 -25.96 24.58
C ILE A 279 22.81 -27.42 24.93
N HIS A 280 23.64 -28.14 24.20
CA HIS A 280 23.80 -29.55 24.47
C HIS A 280 24.71 -29.78 25.67
N LYS A 281 24.82 -31.03 26.08
CA LYS A 281 25.57 -31.39 27.28
C LYS A 281 27.03 -31.63 26.91
N ASN A 282 27.94 -31.00 27.64
CA ASN A 282 29.37 -31.20 27.48
C ASN A 282 30.05 -30.93 28.80
N GLN A 283 30.91 -31.86 29.23
CA GLN A 283 31.62 -31.68 30.49
C GLN A 283 32.98 -31.04 30.27
N LYS A 284 33.87 -31.74 29.57
CA LYS A 284 35.27 -31.36 29.40
C LYS A 284 35.86 -32.22 28.30
N ASP A 285 37.20 -32.29 28.22
CA ASP A 285 37.96 -32.89 27.13
C ASP A 285 37.73 -34.38 26.87
N ASP A 286 36.85 -35.04 27.63
CA ASP A 286 36.47 -36.41 27.28
C ASP A 286 35.34 -36.39 26.26
N VAL A 287 35.50 -37.13 25.18
CA VAL A 287 34.52 -37.12 24.10
C VAL A 287 33.40 -38.13 24.33
N ALA A 288 33.69 -39.23 25.03
CA ALA A 288 32.72 -40.30 25.22
C ALA A 288 31.56 -39.91 26.13
N GLN A 289 31.80 -39.06 27.12
CA GLN A 289 30.72 -38.56 27.96
C GLN A 289 29.88 -37.50 27.27
N THR A 290 30.52 -36.53 26.61
CA THR A 290 29.77 -35.46 25.96
C THR A 290 29.08 -35.98 24.71
N ASP A 291 28.01 -35.28 24.32
CA ASP A 291 27.14 -35.77 23.27
C ASP A 291 26.38 -34.59 22.70
N LEU A 292 26.29 -34.54 21.38
CA LEU A 292 25.56 -33.48 20.69
C LEU A 292 24.09 -33.82 20.48
N LEU A 293 23.55 -34.76 21.24
CA LEU A 293 22.16 -35.15 21.10
C LEU A 293 21.34 -34.82 22.34
N GLN A 294 21.94 -34.88 23.52
CA GLN A 294 21.26 -34.70 24.79
C GLN A 294 21.45 -33.30 25.32
N ILE A 295 20.33 -32.66 25.64
CA ILE A 295 20.33 -31.30 26.17
C ILE A 295 20.88 -31.29 27.58
N ASP A 296 21.58 -30.23 27.93
CA ASP A 296 21.98 -30.02 29.31
C ASP A 296 20.77 -29.62 30.13
N PRO A 297 20.59 -30.15 31.34
CA PRO A 297 19.40 -29.79 32.13
C PRO A 297 19.43 -28.37 32.69
N ASN A 298 20.57 -27.69 32.68
CA ASN A 298 20.65 -26.33 33.18
C ASN A 298 20.11 -25.31 32.20
N PHE A 299 19.58 -25.74 31.06
CA PHE A 299 18.97 -24.83 30.10
C PHE A 299 17.49 -25.05 29.91
N GLY A 300 17.01 -26.27 30.01
CA GLY A 300 15.58 -26.49 29.88
C GLY A 300 15.29 -27.94 29.49
N SER A 301 14.23 -28.09 28.71
CA SER A 301 13.68 -29.42 28.41
C SER A 301 13.50 -29.53 26.90
N LYS A 302 13.25 -30.75 26.44
CA LYS A 302 12.91 -30.94 25.02
C LYS A 302 11.52 -30.41 24.71
N GLU A 303 10.61 -30.49 25.68
CA GLU A 303 9.28 -29.94 25.50
C GLU A 303 9.32 -28.42 25.47
N ASP A 304 10.17 -27.81 26.30
CA ASP A 304 10.36 -26.37 26.24
C ASP A 304 11.06 -25.92 24.98
N PHE A 305 11.98 -26.71 24.45
CA PHE A 305 12.59 -26.41 23.16
C PHE A 305 11.57 -26.51 22.05
N ASP A 306 10.65 -27.50 22.13
CA ASP A 306 9.56 -27.59 21.16
C ASP A 306 8.63 -26.40 21.25
N SER A 307 8.32 -25.96 22.47
CA SER A 307 7.46 -24.78 22.62
C SER A 307 8.15 -23.52 22.09
N LEU A 308 9.46 -23.43 22.27
CA LEU A 308 10.23 -22.32 21.72
C LEU A 308 10.16 -22.33 20.20
N LEU A 309 10.33 -23.49 19.59
CA LEU A 309 10.28 -23.60 18.13
C LEU A 309 8.90 -23.26 17.60
N GLN A 310 7.84 -23.72 18.28
CA GLN A 310 6.49 -23.44 17.81
C GLN A 310 6.13 -21.96 17.98
N SER A 311 6.55 -21.34 19.08
CA SER A 311 6.23 -19.93 19.29
C SER A 311 7.06 -19.05 18.38
N ALA A 312 8.28 -19.49 18.03
CA ALA A 312 9.09 -18.74 17.10
C ALA A 312 8.58 -18.85 15.67
N LYS A 313 8.09 -20.04 15.30
CA LYS A 313 7.43 -20.20 14.01
C LYS A 313 6.13 -19.43 13.95
N LYS A 314 5.47 -19.23 15.10
CA LYS A 314 4.32 -18.34 15.16
C LYS A 314 4.69 -16.89 14.86
N LYS A 315 5.79 -16.40 15.43
CA LYS A 315 6.24 -15.04 15.20
C LYS A 315 7.08 -14.89 13.94
N SER A 316 7.30 -16.00 13.21
CA SER A 316 8.14 -16.08 12.02
C SER A 316 9.57 -15.62 12.31
N ILE A 317 10.18 -16.22 13.32
CA ILE A 317 11.57 -16.01 13.65
C ILE A 317 12.27 -17.36 13.62
N ARG A 318 13.27 -17.47 12.76
CA ARG A 318 13.96 -18.74 12.56
C ARG A 318 15.00 -18.95 13.63
N VAL A 319 15.18 -20.21 14.01
CA VAL A 319 16.06 -20.58 15.12
C VAL A 319 17.19 -21.42 14.55
N ILE A 320 18.42 -20.94 14.74
CA ILE A 320 19.62 -21.65 14.28
C ILE A 320 20.37 -22.12 15.50
N LEU A 321 20.67 -23.40 15.56
CA LEU A 321 21.25 -24.02 16.74
C LEU A 321 22.74 -24.24 16.51
N ASP A 322 23.56 -23.74 17.42
CA ASP A 322 25.00 -23.95 17.37
C ASP A 322 25.31 -25.39 17.74
N LEU A 323 26.41 -25.92 17.22
CA LEU A 323 26.78 -27.32 17.45
C LEU A 323 28.28 -27.53 17.60
N THR A 324 28.98 -26.55 18.13
CA THR A 324 30.39 -26.74 18.44
C THR A 324 30.51 -27.73 19.57
N PRO A 325 31.31 -28.79 19.44
CA PRO A 325 31.32 -29.85 20.46
C PRO A 325 31.82 -29.44 21.83
N ASN A 326 33.06 -28.96 21.94
CA ASN A 326 33.65 -28.66 23.23
C ASN A 326 33.54 -27.16 23.47
N TYR A 327 32.34 -26.71 23.78
CA TYR A 327 32.11 -25.29 23.98
C TYR A 327 32.36 -24.85 25.42
N ARG A 328 32.90 -25.72 26.26
CA ARG A 328 33.37 -25.35 27.60
C ARG A 328 34.81 -25.81 27.70
N GLY A 329 35.74 -25.00 27.21
CA GLY A 329 37.13 -25.38 27.22
C GLY A 329 37.95 -24.48 26.32
N GLU A 330 39.21 -24.86 26.16
CA GLU A 330 40.11 -24.08 25.33
C GLU A 330 40.08 -24.56 23.88
N ASN A 331 40.38 -25.84 23.66
CA ASN A 331 40.38 -26.40 22.32
C ASN A 331 39.00 -27.00 22.04
N SER A 332 38.21 -26.31 21.23
CA SER A 332 36.79 -26.61 21.11
C SER A 332 36.49 -27.81 20.22
N TRP A 333 37.50 -28.38 19.57
CA TRP A 333 37.24 -29.41 18.56
C TRP A 333 37.87 -30.73 18.93
N PHE A 334 38.26 -30.90 20.20
CA PHE A 334 38.77 -32.15 20.77
C PHE A 334 40.03 -32.62 20.03
N SER A 335 41.12 -31.88 20.25
CA SER A 335 42.31 -31.97 19.41
C SER A 335 43.05 -33.32 19.45
N THR A 336 42.60 -34.29 20.26
CA THR A 336 43.25 -35.59 20.28
C THR A 336 43.03 -36.35 18.99
N GLN A 337 41.77 -36.58 18.62
CA GLN A 337 41.43 -37.30 17.40
C GLN A 337 40.41 -36.49 16.62
N VAL A 338 40.04 -36.99 15.44
CA VAL A 338 39.14 -36.24 14.57
C VAL A 338 37.99 -37.10 14.03
N ASP A 339 38.00 -38.41 14.19
CA ASP A 339 37.02 -39.24 13.48
C ASP A 339 35.67 -39.24 14.18
N THR A 340 35.66 -39.47 15.50
CA THR A 340 34.40 -39.60 16.23
C THR A 340 33.65 -38.28 16.30
N VAL A 341 34.40 -37.17 16.42
CA VAL A 341 33.77 -35.86 16.46
C VAL A 341 33.22 -35.48 15.10
N ALA A 342 33.76 -36.05 14.03
CA ALA A 342 33.17 -35.88 12.72
C ALA A 342 31.93 -36.74 12.52
N THR A 343 31.94 -37.98 13.04
CA THR A 343 30.78 -38.85 12.86
C THR A 343 29.59 -38.40 13.69
N LYS A 344 29.83 -37.82 14.86
CA LYS A 344 28.70 -37.48 15.73
C LYS A 344 27.92 -36.28 15.22
N VAL A 345 28.57 -35.40 14.45
CA VAL A 345 27.83 -34.28 13.87
C VAL A 345 26.89 -34.78 12.80
N LYS A 346 27.30 -35.82 12.07
CA LYS A 346 26.44 -36.45 11.07
C LYS A 346 25.19 -37.04 11.71
N ASP A 347 25.32 -37.57 12.92
CA ASP A 347 24.15 -37.97 13.68
C ASP A 347 23.39 -36.76 14.20
N ALA A 348 24.09 -35.65 14.45
CA ALA A 348 23.45 -34.49 15.07
C ALA A 348 22.59 -33.71 14.08
N LEU A 349 23.03 -33.58 12.84
CA LEU A 349 22.27 -32.81 11.87
C LEU A 349 20.99 -33.53 11.47
N GLU A 350 21.02 -34.86 11.44
CA GLU A 350 19.82 -35.61 11.08
C GLU A 350 18.83 -35.65 12.24
N PHE A 351 19.32 -35.51 13.47
CA PHE A 351 18.42 -35.56 14.63
C PHE A 351 17.62 -34.27 14.76
N TRP A 352 18.30 -33.14 14.83
CA TRP A 352 17.64 -31.88 15.14
C TRP A 352 16.79 -31.34 14.01
N LEU A 353 17.10 -31.71 12.76
CA LEU A 353 16.28 -31.23 11.65
C LEU A 353 14.91 -31.89 11.64
N GLN A 354 14.81 -33.09 12.22
CA GLN A 354 13.52 -33.71 12.44
C GLN A 354 12.68 -32.92 13.44
N ALA A 355 13.33 -32.24 14.39
CA ALA A 355 12.59 -31.45 15.36
C ALA A 355 12.11 -30.13 14.77
N GLY A 356 12.79 -29.62 13.75
CA GLY A 356 12.30 -28.45 13.06
C GLY A 356 13.12 -27.19 13.27
N VAL A 357 14.43 -27.33 13.47
CA VAL A 357 15.32 -26.17 13.50
C VAL A 357 15.52 -25.70 12.07
N ASP A 358 16.07 -24.51 11.90
CA ASP A 358 16.15 -23.91 10.58
C ASP A 358 17.56 -23.72 10.08
N GLY A 359 18.56 -24.25 10.78
CA GLY A 359 19.92 -24.10 10.34
C GLY A 359 20.86 -24.66 11.38
N PHE A 360 22.14 -24.41 11.16
CA PHE A 360 23.19 -24.83 12.09
C PHE A 360 24.33 -23.83 12.06
N GLN A 361 25.12 -23.82 13.12
CA GLN A 361 26.33 -23.01 13.15
C GLN A 361 27.46 -23.82 13.76
N VAL A 362 28.61 -23.79 13.12
CA VAL A 362 29.83 -24.37 13.67
C VAL A 362 30.88 -23.28 13.76
N ARG A 363 31.68 -23.30 14.82
CA ARG A 363 32.63 -22.24 15.08
C ARG A 363 34.03 -22.80 15.21
N ASP A 364 35.01 -21.90 15.08
CA ASP A 364 36.44 -22.16 15.28
C ASP A 364 36.95 -23.31 14.40
N ILE A 365 36.51 -23.31 13.12
CA ILE A 365 36.86 -24.42 12.22
C ILE A 365 38.29 -24.39 11.76
N GLU A 366 39.05 -23.34 12.06
CA GLU A 366 40.49 -23.39 11.84
C GLU A 366 41.18 -24.36 12.80
N ASN A 367 40.55 -24.71 13.92
CA ASN A 367 41.02 -25.75 14.79
C ASN A 367 40.42 -27.10 14.45
N LEU A 368 39.83 -27.24 13.27
CA LEU A 368 39.33 -28.52 12.79
C LEU A 368 40.13 -28.92 11.57
N LYS A 369 40.78 -30.08 11.64
CA LYS A 369 41.59 -30.54 10.53
C LYS A 369 40.71 -31.08 9.42
N ASP A 370 41.18 -30.88 8.18
CA ASP A 370 40.50 -31.29 6.94
C ASP A 370 39.12 -30.63 6.83
N ALA A 371 39.11 -29.31 7.03
CA ALA A 371 37.87 -28.59 7.29
C ALA A 371 36.96 -28.49 6.07
N SER A 372 37.54 -28.18 4.90
CA SER A 372 36.73 -27.97 3.71
C SER A 372 36.12 -29.26 3.19
N SER A 373 36.65 -30.42 3.59
CA SER A 373 36.05 -31.70 3.26
C SER A 373 34.85 -32.02 4.14
N PHE A 374 34.92 -31.70 5.43
CA PHE A 374 33.81 -31.91 6.34
C PHE A 374 32.67 -30.92 6.11
N LEU A 375 33.02 -29.68 5.75
CA LEU A 375 32.00 -28.65 5.54
C LEU A 375 31.15 -28.96 4.32
N ALA A 376 31.73 -29.58 3.30
CA ALA A 376 30.95 -29.94 2.12
C ALA A 376 29.97 -31.07 2.41
N GLU A 377 30.38 -32.02 3.24
CA GLU A 377 29.48 -33.10 3.65
C GLU A 377 28.34 -32.56 4.51
N TRP A 378 28.66 -31.69 5.48
CA TRP A 378 27.62 -31.11 6.33
C TRP A 378 26.68 -30.23 5.53
N GLN A 379 27.22 -29.48 4.56
CA GLN A 379 26.40 -28.65 3.70
C GLN A 379 25.49 -29.49 2.81
N ASN A 380 25.99 -30.64 2.35
CA ASN A 380 25.12 -31.59 1.63
C ASN A 380 23.98 -32.08 2.49
N ILE A 381 24.25 -32.48 3.73
CA ILE A 381 23.17 -33.01 4.56
C ILE A 381 22.15 -31.92 4.88
N THR A 382 22.64 -30.70 5.14
CA THR A 382 21.76 -29.58 5.45
C THR A 382 20.90 -29.19 4.25
N LYS A 383 21.46 -29.20 3.03
CA LYS A 383 20.64 -28.98 1.85
C LYS A 383 19.84 -30.22 1.48
N GLY A 384 20.21 -31.38 2.02
CA GLY A 384 19.55 -32.62 1.68
C GLY A 384 18.31 -32.90 2.48
N PHE A 385 18.18 -32.32 3.67
CA PHE A 385 16.87 -32.35 4.31
C PHE A 385 15.89 -31.47 3.56
N SER A 386 16.19 -30.17 3.47
CA SER A 386 15.35 -29.25 2.72
C SER A 386 16.25 -28.20 2.09
N GLU A 387 15.63 -27.30 1.32
CA GLU A 387 16.38 -26.26 0.66
C GLU A 387 16.46 -24.97 1.46
N ASP A 388 15.62 -24.81 2.49
CA ASP A 388 15.56 -23.59 3.27
C ASP A 388 16.33 -23.69 4.58
N ARG A 389 17.41 -24.45 4.59
CA ARG A 389 18.20 -24.66 5.80
C ARG A 389 19.59 -24.08 5.59
N LEU A 390 20.25 -23.73 6.69
CA LEU A 390 21.46 -22.92 6.66
C LEU A 390 22.59 -23.64 7.38
N LEU A 391 23.82 -23.32 6.99
CA LEU A 391 25.00 -23.71 7.76
C LEU A 391 25.93 -22.51 7.80
N ILE A 392 26.32 -22.09 9.00
CA ILE A 392 27.22 -20.97 9.19
C ILE A 392 28.52 -21.47 9.81
N ALA A 393 29.62 -21.21 9.13
CA ALA A 393 30.92 -21.58 9.64
C ALA A 393 31.64 -20.33 10.14
N GLY A 394 32.38 -20.48 11.23
CA GLY A 394 33.02 -19.31 11.80
C GLY A 394 34.48 -19.50 12.18
N THR A 395 35.36 -18.72 11.58
CA THR A 395 36.79 -18.81 11.84
C THR A 395 37.23 -17.64 12.70
N ASN A 396 38.54 -17.50 12.87
CA ASN A 396 39.13 -16.29 13.43
C ASN A 396 40.21 -15.72 12.51
N SER A 397 40.40 -16.34 11.35
CA SER A 397 41.47 -15.95 10.46
C SER A 397 41.14 -14.66 9.72
N SER A 398 42.04 -13.70 9.82
CA SER A 398 41.88 -12.43 9.15
C SER A 398 42.44 -12.42 7.74
N ASP A 399 42.99 -13.52 7.25
CA ASP A 399 43.63 -13.56 5.95
C ASP A 399 42.60 -13.83 4.86
N LEU A 400 42.74 -13.14 3.74
CA LEU A 400 41.79 -13.29 2.63
C LEU A 400 41.95 -14.64 1.94
N GLN A 401 43.19 -15.08 1.72
CA GLN A 401 43.43 -16.33 1.01
C GLN A 401 43.06 -17.54 1.86
N GLN A 402 43.12 -17.41 3.18
CA GLN A 402 42.63 -18.48 4.03
C GLN A 402 41.11 -18.56 4.01
N ILE A 403 40.45 -17.45 3.68
CA ILE A 403 38.99 -17.45 3.58
C ILE A 403 38.55 -18.05 2.26
N LEU A 404 39.19 -17.65 1.16
CA LEU A 404 38.81 -18.16 -0.15
C LEU A 404 39.08 -19.65 -0.31
N SER A 405 40.05 -20.18 0.44
CA SER A 405 40.33 -21.61 0.38
C SER A 405 39.20 -22.41 1.01
N LEU A 406 38.51 -21.83 1.99
CA LEU A 406 37.33 -22.48 2.57
C LEU A 406 36.12 -22.37 1.66
N LEU A 407 36.15 -21.48 0.67
CA LEU A 407 35.05 -21.30 -0.26
C LEU A 407 35.35 -21.82 -1.65
N GLU A 408 36.13 -22.91 -1.74
CA GLU A 408 36.48 -23.47 -3.04
C GLU A 408 35.42 -24.42 -3.54
N SER A 409 34.92 -25.29 -2.65
CA SER A 409 33.91 -26.25 -3.03
C SER A 409 32.51 -25.84 -2.63
N ASN A 410 32.33 -24.62 -2.11
CA ASN A 410 31.03 -24.20 -1.61
C ASN A 410 30.62 -22.84 -2.15
N LYS A 411 29.32 -22.68 -2.38
CA LYS A 411 28.75 -21.40 -2.76
C LYS A 411 27.73 -20.96 -1.72
N ASP A 412 26.99 -21.91 -1.15
CA ASP A 412 25.93 -21.60 -0.21
C ASP A 412 26.41 -21.46 1.23
N LEU A 413 27.72 -21.38 1.44
CA LEU A 413 28.27 -21.31 2.79
C LEU A 413 28.36 -19.88 3.26
N LEU A 414 27.77 -19.57 4.41
CA LEU A 414 28.00 -18.30 5.06
C LEU A 414 29.16 -18.41 6.02
N LEU A 415 30.21 -17.65 5.76
CA LEU A 415 31.45 -17.75 6.52
C LEU A 415 31.70 -16.45 7.25
N THR A 416 31.63 -16.47 8.58
CA THR A 416 31.91 -15.31 9.40
C THR A 416 33.33 -15.39 9.93
N SER A 417 34.11 -14.34 9.70
CA SER A 417 35.50 -14.32 10.14
C SER A 417 35.78 -12.98 10.79
N SER A 418 37.05 -12.72 11.07
CA SER A 418 37.48 -11.46 11.64
C SER A 418 38.14 -10.58 10.59
N TYR A 419 37.64 -10.64 9.37
CA TYR A 419 38.28 -9.98 8.23
C TYR A 419 38.19 -8.48 8.31
N LEU A 420 37.16 -7.94 8.96
CA LEU A 420 36.96 -6.51 9.03
C LEU A 420 37.47 -5.89 10.33
N SER A 421 37.92 -6.70 11.28
CA SER A 421 38.20 -6.21 12.62
C SER A 421 39.65 -5.82 12.85
N ASP A 422 40.51 -5.92 11.84
CA ASP A 422 41.94 -5.73 12.06
C ASP A 422 42.29 -4.24 12.17
N SER A 423 41.65 -3.41 11.35
CA SER A 423 41.98 -2.01 11.24
C SER A 423 40.73 -1.27 10.76
N GLY A 424 40.94 -0.12 10.13
CA GLY A 424 39.84 0.65 9.57
C GLY A 424 39.87 2.07 10.04
N SER A 425 41.02 2.50 10.55
CA SER A 425 41.16 3.87 11.06
C SER A 425 41.09 4.89 9.95
N THR A 426 41.47 4.52 8.74
CA THR A 426 41.26 5.35 7.57
C THR A 426 40.20 4.72 6.67
N GLY A 427 39.51 5.58 5.93
CA GLY A 427 38.44 5.10 5.06
C GLY A 427 38.94 4.41 3.82
N GLU A 428 40.14 4.76 3.35
CA GLU A 428 40.73 4.11 2.19
C GLU A 428 41.01 2.64 2.46
N HIS A 429 41.42 2.30 3.69
CA HIS A 429 41.69 0.91 4.02
C HIS A 429 40.41 0.08 4.02
N THR A 430 39.34 0.60 4.63
CA THR A 430 38.08 -0.15 4.70
C THR A 430 37.43 -0.24 3.33
N LYS A 431 37.59 0.80 2.53
CA LYS A 431 37.10 0.80 1.16
C LYS A 431 37.79 -0.28 0.34
N SER A 432 39.12 -0.36 0.47
CA SER A 432 39.88 -1.38 -0.24
C SER A 432 39.53 -2.77 0.25
N LEU A 433 39.27 -2.92 1.55
CA LEU A 433 38.90 -4.21 2.12
C LEU A 433 37.58 -4.72 1.54
N VAL A 434 36.54 -3.90 1.57
CA VAL A 434 35.22 -4.35 1.11
C VAL A 434 35.22 -4.58 -0.40
N THR A 435 35.81 -3.67 -1.17
CA THR A 435 35.81 -3.86 -2.62
C THR A 435 36.72 -4.99 -3.06
N GLN A 436 37.82 -5.24 -2.34
CA GLN A 436 38.69 -6.35 -2.68
C GLN A 436 38.04 -7.68 -2.38
N TYR A 437 37.29 -7.76 -1.26
CA TYR A 437 36.55 -8.98 -0.98
C TYR A 437 35.48 -9.25 -2.02
N LEU A 438 34.75 -8.20 -2.42
CA LEU A 438 33.69 -8.38 -3.41
C LEU A 438 34.25 -8.66 -4.80
N ASN A 439 35.45 -8.16 -5.11
CA ASN A 439 36.08 -8.48 -6.38
C ASN A 439 36.58 -9.91 -6.38
N ALA A 440 37.16 -10.36 -5.27
CA ALA A 440 37.73 -11.70 -5.21
C ALA A 440 36.67 -12.80 -5.19
N THR A 441 35.59 -12.63 -4.44
CA THR A 441 34.60 -13.71 -4.47
C THR A 441 33.73 -13.66 -5.72
N GLY A 442 33.64 -12.51 -6.37
CA GLY A 442 32.88 -12.41 -7.60
C GLY A 442 31.42 -12.04 -7.42
N ASN A 443 31.15 -11.11 -6.51
CA ASN A 443 29.82 -10.54 -6.25
C ASN A 443 28.79 -11.60 -5.89
N ARG A 444 29.17 -12.51 -5.00
CA ARG A 444 28.25 -13.52 -4.51
C ARG A 444 27.65 -13.07 -3.18
N TRP A 445 26.74 -13.88 -2.65
CA TRP A 445 26.15 -13.59 -1.36
C TRP A 445 27.12 -13.91 -0.23
N CYS A 446 27.42 -12.92 0.59
CA CYS A 446 28.35 -13.05 1.70
C CYS A 446 27.69 -12.61 2.99
N SER A 447 28.44 -12.66 4.07
CA SER A 447 27.96 -12.27 5.39
C SER A 447 28.94 -11.29 6.01
N TRP A 448 28.44 -10.11 6.36
CA TRP A 448 29.27 -9.04 6.87
C TRP A 448 29.17 -8.99 8.38
N SER A 449 30.28 -9.27 9.05
CA SER A 449 30.36 -9.27 10.49
C SER A 449 31.77 -8.89 10.87
N LEU A 450 31.95 -8.53 12.14
CA LEU A 450 33.29 -8.20 12.62
C LEU A 450 33.96 -9.31 13.41
N SER A 451 33.25 -10.36 13.76
CA SER A 451 33.81 -11.42 14.58
C SER A 451 33.02 -12.70 14.37
N GLN A 452 33.25 -13.67 15.25
CA GLN A 452 32.42 -14.85 15.32
C GLN A 452 31.68 -14.97 16.65
N ALA A 453 32.22 -14.43 17.73
CA ALA A 453 31.50 -14.50 19.00
C ALA A 453 31.70 -13.26 19.87
N ARG A 454 32.20 -12.17 19.31
CA ARG A 454 32.46 -10.99 20.10
C ARG A 454 31.48 -9.89 19.75
N LEU A 455 31.52 -8.81 20.52
CA LEU A 455 30.65 -7.67 20.29
C LEU A 455 31.34 -6.67 19.37
N LEU A 456 30.61 -5.60 19.04
CA LEU A 456 31.21 -4.53 18.25
C LEU A 456 32.13 -3.67 19.08
N THR A 457 31.84 -3.51 20.37
CA THR A 457 32.59 -2.60 21.23
C THR A 457 33.98 -3.12 21.57
N SER A 458 34.23 -4.41 21.40
CA SER A 458 35.56 -4.95 21.65
C SER A 458 36.55 -4.64 20.54
N PHE A 459 36.08 -4.14 19.41
CA PHE A 459 36.96 -3.80 18.30
C PHE A 459 36.88 -2.35 17.86
N LEU A 460 36.01 -1.55 18.45
CA LEU A 460 35.83 -0.17 18.02
C LEU A 460 35.79 0.75 19.23
N PRO A 461 36.11 2.03 19.06
CA PRO A 461 35.79 3.03 20.09
C PRO A 461 34.30 3.30 20.14
N ALA A 462 33.90 4.07 21.15
CA ALA A 462 32.50 4.29 21.44
C ALA A 462 31.81 5.23 20.47
N GLN A 463 32.55 5.99 19.67
CA GLN A 463 31.92 6.93 18.75
C GLN A 463 31.61 6.32 17.40
N LEU A 464 32.29 5.24 17.01
CA LEU A 464 32.18 4.68 15.68
C LEU A 464 31.10 3.62 15.59
N LEU A 465 30.30 3.43 16.63
CA LEU A 465 29.29 2.38 16.60
C LEU A 465 28.16 2.70 15.65
N ARG A 466 27.75 3.96 15.58
CA ARG A 466 26.69 4.35 14.66
C ARG A 466 27.14 4.27 13.21
N LEU A 467 28.40 4.61 12.95
CA LEU A 467 28.94 4.54 11.59
C LEU A 467 29.03 3.09 11.12
N TYR A 468 29.49 2.20 11.98
CA TYR A 468 29.58 0.81 11.59
C TYR A 468 28.22 0.14 11.54
N GLN A 469 27.25 0.60 12.34
CA GLN A 469 25.92 0.03 12.21
C GLN A 469 25.22 0.54 10.97
N LEU A 470 25.57 1.73 10.49
CA LEU A 470 25.08 2.15 9.19
C LEU A 470 25.74 1.38 8.06
N MET A 471 27.03 1.08 8.21
CA MET A 471 27.74 0.39 7.14
C MET A 471 27.34 -1.07 7.04
N LEU A 472 27.21 -1.76 8.18
CA LEU A 472 26.96 -3.20 8.16
C LEU A 472 25.55 -3.54 7.71
N PHE A 473 24.62 -2.60 7.74
CA PHE A 473 23.26 -2.87 7.29
C PHE A 473 23.07 -2.59 5.81
N THR A 474 23.99 -1.87 5.19
CA THR A 474 23.82 -1.41 3.82
C THR A 474 24.82 -2.02 2.85
N LEU A 475 25.44 -3.07 3.19
CA LEU A 475 26.40 -3.76 2.36
C LEU A 475 25.75 -5.00 1.74
N PRO A 476 26.24 -5.51 0.59
CA PRO A 476 25.52 -6.62 -0.07
C PRO A 476 25.69 -7.96 0.60
N GLY A 477 24.96 -8.22 1.68
CA GLY A 477 25.05 -9.52 2.30
C GLY A 477 24.26 -9.55 3.59
N THR A 478 24.42 -10.63 4.34
CA THR A 478 23.70 -10.81 5.58
C THR A 478 24.49 -10.21 6.73
N PRO A 479 23.94 -9.26 7.48
CA PRO A 479 24.66 -8.79 8.68
C PRO A 479 24.37 -9.67 9.87
N VAL A 480 25.41 -10.01 10.61
CA VAL A 480 25.29 -10.85 11.79
C VAL A 480 25.78 -10.06 13.00
N PHE A 481 24.88 -9.79 13.94
CA PHE A 481 25.21 -9.02 15.13
C PHE A 481 25.20 -9.94 16.33
N SER A 482 25.85 -9.51 17.39
CA SER A 482 25.80 -10.20 18.67
C SER A 482 24.71 -9.57 19.52
N TYR A 483 24.41 -10.21 20.64
CA TYR A 483 23.39 -9.68 21.53
C TYR A 483 23.94 -8.48 22.29
N GLY A 484 23.12 -7.45 22.44
CA GLY A 484 23.54 -6.24 23.08
C GLY A 484 24.19 -5.23 22.18
N ASP A 485 24.41 -5.56 20.90
CA ASP A 485 25.07 -4.63 20.01
C ASP A 485 24.16 -3.49 19.58
N GLU A 486 22.87 -3.58 19.88
CA GLU A 486 21.94 -2.51 19.58
C GLU A 486 21.95 -1.41 20.63
N ILE A 487 22.40 -1.71 21.85
CA ILE A 487 22.40 -0.74 22.93
C ILE A 487 23.80 -0.25 23.25
N GLY A 488 24.81 -0.69 22.51
CA GLY A 488 26.17 -0.33 22.79
C GLY A 488 26.66 -0.96 24.08
N LEU A 489 26.43 -2.26 24.21
CA LEU A 489 26.78 -2.99 25.42
C LEU A 489 28.29 -3.05 25.56
N ASP A 490 28.84 -2.31 26.51
CA ASP A 490 30.26 -2.35 26.79
C ASP A 490 30.49 -3.26 27.99
N ALA A 491 31.58 -4.01 27.94
CA ALA A 491 32.04 -4.74 29.11
C ALA A 491 33.23 -4.07 29.77
N ALA A 492 34.05 -3.37 28.99
CA ALA A 492 35.20 -2.66 29.52
C ALA A 492 34.83 -1.39 30.24
N ALA A 493 33.60 -0.90 30.07
CA ALA A 493 33.09 0.23 30.82
C ALA A 493 32.22 -0.20 31.99
N LEU A 494 32.45 -1.40 32.51
CA LEU A 494 31.74 -1.93 33.66
C LEU A 494 32.72 -2.78 34.47
N PRO A 495 32.44 -3.06 35.76
CA PRO A 495 33.36 -3.87 36.57
C PRO A 495 33.41 -5.34 36.19
N GLY A 496 34.00 -6.13 37.10
CA GLY A 496 34.37 -7.52 36.91
C GLY A 496 33.36 -8.44 36.26
N GLN A 497 33.69 -8.90 35.05
CA GLN A 497 32.81 -9.62 34.15
C GLN A 497 33.65 -10.50 33.23
N PRO A 498 33.07 -11.54 32.66
CA PRO A 498 33.71 -12.18 31.50
C PRO A 498 33.61 -11.30 30.27
N MET A 499 34.75 -11.07 29.62
CA MET A 499 34.78 -10.21 28.44
C MET A 499 34.14 -10.84 27.22
N GLU A 500 33.88 -12.14 27.25
CA GLU A 500 33.22 -12.81 26.14
C GLU A 500 31.71 -12.95 26.34
N ALA A 501 31.22 -12.80 27.57
CA ALA A 501 29.80 -13.00 27.87
C ALA A 501 29.34 -11.97 28.90
N PRO A 502 29.17 -10.72 28.48
CA PRO A 502 28.75 -9.69 29.44
C PRO A 502 27.28 -9.82 29.74
N VAL A 503 26.86 -9.19 30.82
CA VAL A 503 25.47 -9.26 31.25
C VAL A 503 24.64 -8.28 30.42
N MET A 504 23.40 -8.63 30.18
CA MET A 504 22.52 -7.77 29.40
C MET A 504 21.82 -6.78 30.32
N LEU A 505 21.71 -5.53 29.87
CA LEU A 505 21.18 -4.46 30.72
C LEU A 505 19.79 -4.07 30.23
N TRP A 506 18.80 -4.81 30.73
CA TRP A 506 17.43 -4.63 30.29
C TRP A 506 16.81 -3.39 30.91
N ASP A 507 17.08 -3.16 32.19
CA ASP A 507 16.48 -2.07 32.95
C ASP A 507 17.56 -1.29 33.69
N GLU A 508 17.12 -0.48 34.65
CA GLU A 508 18.05 0.24 35.51
C GLU A 508 18.52 -0.61 36.68
N SER A 509 18.01 -1.83 36.82
CA SER A 509 18.37 -2.71 37.93
C SER A 509 18.92 -4.05 37.47
N SER A 510 19.48 -4.12 36.26
CA SER A 510 19.99 -5.39 35.76
C SER A 510 21.29 -5.78 36.44
N PHE A 511 22.27 -4.89 36.43
CA PHE A 511 23.57 -5.12 37.03
C PHE A 511 23.44 -5.13 38.54
N PRO A 512 23.55 -6.30 39.19
CA PRO A 512 23.21 -6.38 40.62
C PRO A 512 24.19 -5.67 41.54
N ASP A 513 25.47 -5.97 41.42
CA ASP A 513 26.46 -5.47 42.35
C ASP A 513 27.15 -4.24 41.77
N ILE A 514 27.94 -3.58 42.62
CA ILE A 514 28.49 -2.24 42.41
C ILE A 514 27.32 -1.33 42.05
N PRO A 515 26.49 -0.94 43.02
CA PRO A 515 25.21 -0.28 42.70
C PRO A 515 25.41 1.16 42.27
N GLY A 516 24.61 1.59 41.31
CA GLY A 516 24.68 2.95 40.81
C GLY A 516 25.62 3.07 39.62
N ALA A 517 26.16 1.93 39.18
CA ALA A 517 27.07 1.91 38.05
C ALA A 517 26.39 2.13 36.71
N VAL A 518 25.14 1.70 36.58
CA VAL A 518 24.38 1.88 35.35
C VAL A 518 23.87 3.30 35.29
N SER A 519 23.33 3.70 34.14
CA SER A 519 22.73 5.01 34.00
C SER A 519 21.46 4.90 33.19
N ALA A 520 20.90 6.06 32.82
CA ALA A 520 19.69 6.05 32.00
C ALA A 520 19.99 5.63 30.58
N ASN A 521 21.07 6.10 30.00
CA ASN A 521 21.43 5.80 28.63
C ASN A 521 22.18 4.48 28.48
N MET A 522 22.43 3.78 29.57
CA MET A 522 23.17 2.53 29.53
C MET A 522 22.28 1.31 29.51
N THR A 523 21.01 1.44 29.13
CA THR A 523 20.10 0.32 29.22
C THR A 523 19.12 0.32 28.07
N VAL A 524 18.26 -0.70 28.06
CA VAL A 524 17.30 -0.87 26.98
C VAL A 524 16.17 0.13 27.10
N LYS A 525 15.47 0.11 28.24
CA LYS A 525 14.27 0.92 28.40
C LYS A 525 14.59 2.40 28.48
N GLY A 526 15.81 2.75 28.88
CA GLY A 526 16.22 4.14 28.85
C GLY A 526 16.59 4.60 27.46
N GLN A 527 16.82 3.65 26.55
CA GLN A 527 17.08 3.97 25.14
C GLN A 527 15.89 3.66 24.25
N SER A 528 14.82 3.11 24.81
CA SER A 528 13.63 2.78 24.05
C SER A 528 12.66 3.95 23.95
N GLU A 529 13.08 5.14 24.37
CA GLU A 529 12.26 6.34 24.29
C GLU A 529 13.01 7.55 23.73
N ASP A 530 14.32 7.52 23.71
CA ASP A 530 15.11 8.59 23.13
C ASP A 530 15.07 8.49 21.61
N PRO A 531 14.62 9.50 20.89
CA PRO A 531 14.64 9.42 19.41
C PRO A 531 16.03 9.52 18.82
N GLY A 532 16.97 10.17 19.50
CA GLY A 532 18.33 10.25 19.02
C GLY A 532 19.25 9.25 19.68
N SER A 533 18.74 8.06 19.94
CA SER A 533 19.50 7.04 20.64
C SER A 533 20.19 6.09 19.67
N LEU A 534 20.83 5.08 20.24
CA LEU A 534 21.51 4.05 19.46
C LEU A 534 20.58 2.90 19.12
N LEU A 535 19.71 2.50 20.04
CA LEU A 535 18.75 1.45 19.75
C LEU A 535 17.69 1.92 18.75
N SER A 536 17.40 3.21 18.74
CA SER A 536 16.48 3.74 17.75
C SER A 536 17.08 3.72 16.36
N LEU A 537 18.40 3.90 16.26
CA LEU A 537 19.07 3.79 14.97
C LEU A 537 19.07 2.35 14.48
N PHE A 538 19.23 1.40 15.41
CA PHE A 538 19.13 -0.02 15.06
C PHE A 538 17.75 -0.35 14.53
N ARG A 539 16.71 0.18 15.17
CA ARG A 539 15.37 -0.14 14.70
C ARG A 539 15.02 0.60 13.41
N ARG A 540 15.60 1.78 13.19
CA ARG A 540 15.36 2.50 11.94
C ARG A 540 16.13 1.91 10.78
N LEU A 541 17.23 1.22 11.04
CA LEU A 541 17.96 0.58 9.96
C LEU A 541 17.48 -0.84 9.70
N SER A 542 17.03 -1.54 10.74
CA SER A 542 16.64 -2.93 10.59
C SER A 542 15.31 -3.11 9.88
N ASP A 543 14.50 -2.07 9.75
CA ASP A 543 13.30 -2.19 8.93
C ASP A 543 13.50 -1.65 7.53
N GLN A 544 14.40 -0.68 7.35
CA GLN A 544 14.74 -0.21 6.02
C GLN A 544 15.56 -1.26 5.28
N ARG A 545 16.28 -2.11 6.00
CA ARG A 545 16.98 -3.23 5.36
C ARG A 545 16.00 -4.31 4.95
N SER A 546 15.02 -4.61 5.78
CA SER A 546 14.15 -5.75 5.56
C SER A 546 12.93 -5.44 4.71
N LYS A 547 12.60 -4.18 4.52
CA LYS A 547 11.40 -3.80 3.79
C LYS A 547 11.72 -3.27 2.39
N GLU A 548 12.76 -2.46 2.26
CA GLU A 548 13.05 -1.80 0.99
C GLU A 548 13.69 -2.80 0.03
N ARG A 549 13.46 -2.58 -1.28
CA ARG A 549 13.81 -3.58 -2.28
C ARG A 549 15.22 -3.42 -2.82
N SER A 550 15.73 -2.19 -2.90
CA SER A 550 17.06 -1.95 -3.44
C SER A 550 18.16 -2.21 -2.43
N LEU A 551 17.84 -2.33 -1.15
CA LEU A 551 18.79 -2.80 -0.16
C LEU A 551 18.74 -4.30 0.06
N LEU A 552 17.68 -4.96 -0.40
CA LEU A 552 17.59 -6.41 -0.27
C LEU A 552 18.50 -7.11 -1.26
N HIS A 553 18.32 -6.87 -2.55
CA HIS A 553 19.12 -7.53 -3.56
C HIS A 553 19.52 -6.57 -4.65
N GLY A 554 19.74 -5.33 -4.29
CA GLY A 554 20.21 -4.36 -5.25
C GLY A 554 21.67 -4.54 -5.58
N ASP A 555 22.14 -3.77 -6.53
CA ASP A 555 23.52 -3.84 -6.97
C ASP A 555 24.41 -3.04 -6.03
N PHE A 556 25.71 -3.10 -6.28
CA PHE A 556 26.69 -2.40 -5.48
C PHE A 556 27.69 -1.72 -6.38
N HIS A 557 27.89 -0.42 -6.16
CA HIS A 557 28.92 0.31 -6.90
C HIS A 557 29.43 1.42 -6.01
N ALA A 558 30.65 1.26 -5.52
CA ALA A 558 31.34 2.36 -4.87
C ALA A 558 32.01 3.21 -5.92
N PHE A 559 32.57 4.34 -5.48
CA PHE A 559 33.34 5.18 -6.38
C PHE A 559 34.35 5.98 -5.57
N SER A 560 35.20 6.69 -6.29
CA SER A 560 36.16 7.58 -5.65
C SER A 560 35.45 8.77 -5.03
N ALA A 561 35.99 9.24 -3.92
CA ALA A 561 35.45 10.40 -3.21
C ALA A 561 36.61 11.10 -2.52
N GLY A 562 36.31 11.85 -1.47
CA GLY A 562 37.30 12.61 -0.74
C GLY A 562 38.30 11.73 -0.02
N PRO A 563 39.44 12.31 0.37
CA PRO A 563 40.46 11.53 1.08
C PRO A 563 40.10 11.26 2.53
N GLY A 564 39.33 10.21 2.76
CA GLY A 564 38.93 9.85 4.10
C GLY A 564 37.51 9.31 4.15
N LEU A 565 36.83 9.37 3.02
CA LEU A 565 35.43 8.99 2.94
C LEU A 565 35.29 7.59 2.39
N PHE A 566 34.05 7.10 2.44
CA PHE A 566 33.66 5.85 1.80
C PHE A 566 32.22 6.04 1.35
N SER A 567 31.97 6.02 0.06
CA SER A 567 30.65 6.30 -0.47
C SER A 567 30.26 5.21 -1.46
N TYR A 568 29.00 4.81 -1.45
CA TYR A 568 28.55 3.79 -2.37
C TYR A 568 27.05 3.93 -2.61
N ILE A 569 26.56 3.16 -3.59
CA ILE A 569 25.21 3.26 -4.11
C ILE A 569 24.61 1.87 -4.21
N ARG A 570 23.37 1.71 -3.75
CA ARG A 570 22.60 0.49 -3.98
C ARG A 570 21.42 0.80 -4.90
N HIS A 571 21.19 -0.07 -5.89
CA HIS A 571 20.12 0.11 -6.85
C HIS A 571 19.75 -1.22 -7.47
N TRP A 572 18.46 -1.56 -7.51
CA TRP A 572 18.12 -2.87 -8.06
C TRP A 572 17.71 -2.83 -9.52
N ASP A 573 16.55 -2.27 -9.84
CA ASP A 573 16.15 -2.18 -11.25
C ASP A 573 15.66 -0.79 -11.59
N GLN A 574 14.57 -0.41 -10.90
CA GLN A 574 13.92 0.88 -11.06
C GLN A 574 13.53 1.42 -9.71
N ASN A 575 13.93 0.76 -8.63
CA ASN A 575 13.41 1.06 -7.30
C ASN A 575 14.21 2.23 -6.72
N GLU A 576 14.00 2.51 -5.45
CA GLU A 576 14.54 3.71 -4.84
C GLU A 576 16.04 3.58 -4.63
N ARG A 577 16.81 4.40 -5.34
CA ARG A 577 18.26 4.35 -5.26
C ARG A 577 18.76 4.90 -3.92
N PHE A 578 19.72 4.22 -3.32
CA PHE A 578 20.28 4.59 -2.03
C PHE A 578 21.73 5.00 -2.19
N LEU A 579 22.14 6.03 -1.44
CA LEU A 579 23.49 6.57 -1.44
C LEU A 579 23.97 6.71 -0.01
N VAL A 580 25.07 6.06 0.32
CA VAL A 580 25.63 6.09 1.68
C VAL A 580 27.00 6.73 1.61
N VAL A 581 27.23 7.74 2.44
CA VAL A 581 28.48 8.48 2.49
C VAL A 581 28.97 8.49 3.93
N LEU A 582 30.16 7.95 4.16
CA LEU A 582 30.70 7.74 5.49
C LEU A 582 32.03 8.44 5.63
N ASN A 583 32.34 8.89 6.84
CA ASN A 583 33.55 9.63 7.17
C ASN A 583 34.29 8.88 8.26
N PHE A 584 35.32 8.13 7.90
CA PHE A 584 36.12 7.38 8.86
C PHE A 584 37.28 8.20 9.39
N GLY A 585 37.04 9.44 9.81
CA GLY A 585 38.12 10.27 10.31
C GLY A 585 37.57 11.45 11.08
N ASP A 586 38.43 11.99 11.96
CA ASP A 586 38.07 13.14 12.78
C ASP A 586 38.69 14.39 12.16
N VAL A 587 38.04 14.86 11.09
CA VAL A 587 38.39 16.04 10.32
C VAL A 587 37.10 16.56 9.71
N GLY A 588 37.05 17.85 9.39
CA GLY A 588 35.92 18.37 8.64
C GLY A 588 36.21 18.33 7.16
N LEU A 589 35.50 17.47 6.44
CA LEU A 589 35.70 17.30 5.01
C LEU A 589 34.41 17.51 4.25
N SER A 590 34.56 17.92 3.00
CA SER A 590 33.45 17.95 2.04
C SER A 590 33.47 16.68 1.23
N ALA A 591 32.39 16.44 0.49
CA ALA A 591 32.27 15.18 -0.22
C ALA A 591 33.07 15.17 -1.52
N GLY A 592 32.66 15.99 -2.48
CA GLY A 592 33.28 15.96 -3.80
C GLY A 592 32.99 14.68 -4.55
N LEU A 593 31.74 14.52 -4.99
CA LEU A 593 31.32 13.28 -5.64
C LEU A 593 31.33 13.46 -7.16
N GLN A 594 32.44 13.06 -7.76
CA GLN A 594 32.57 12.98 -9.22
C GLN A 594 32.37 11.52 -9.60
N ALA A 595 31.14 11.19 -10.00
CA ALA A 595 30.78 9.80 -10.28
C ALA A 595 31.52 9.19 -11.46
N SER A 596 31.15 9.59 -12.68
CA SER A 596 31.90 9.40 -13.92
C SER A 596 32.25 7.97 -14.32
N ASP A 597 31.86 6.97 -13.53
CA ASP A 597 32.16 5.58 -13.84
C ASP A 597 31.01 4.63 -13.54
N LEU A 598 29.90 5.12 -13.01
CA LEU A 598 28.78 4.27 -12.67
C LEU A 598 28.01 3.91 -13.93
N PRO A 599 27.19 2.85 -13.89
CA PRO A 599 26.32 2.55 -15.03
C PRO A 599 25.31 3.65 -15.29
N ALA A 600 24.83 3.71 -16.53
CA ALA A 600 23.93 4.78 -16.95
C ALA A 600 22.54 4.67 -16.34
N SER A 601 22.20 3.51 -15.76
CA SER A 601 20.91 3.35 -15.11
C SER A 601 20.80 4.22 -13.87
N ALA A 602 21.76 4.08 -12.96
CA ALA A 602 21.71 4.76 -11.66
C ALA A 602 22.89 5.71 -11.49
N SER A 603 23.13 6.57 -12.48
CA SER A 603 24.07 7.66 -12.31
C SER A 603 23.54 8.67 -11.29
N LEU A 604 24.42 9.57 -10.88
CA LEU A 604 24.07 10.50 -9.81
C LEU A 604 23.06 11.53 -10.31
N PRO A 605 22.06 11.87 -9.51
CA PRO A 605 21.17 12.97 -9.87
C PRO A 605 21.76 14.30 -9.46
N ALA A 606 21.01 15.37 -9.62
CA ALA A 606 21.47 16.65 -9.11
C ALA A 606 21.14 16.84 -7.64
N LYS A 607 19.91 16.53 -7.23
CA LYS A 607 19.43 16.74 -5.86
C LYS A 607 18.80 15.45 -5.37
N ALA A 608 19.01 15.12 -4.10
CA ALA A 608 18.47 13.93 -3.47
C ALA A 608 18.08 14.20 -2.02
N ASP A 609 17.21 13.34 -1.49
CA ASP A 609 16.63 13.53 -0.16
C ASP A 609 17.62 13.14 0.92
N LEU A 610 17.11 12.93 2.13
CA LEU A 610 17.90 12.40 3.23
C LEU A 610 16.97 11.62 4.14
N LEU A 611 17.34 10.37 4.44
CA LEU A 611 16.54 9.55 5.34
C LEU A 611 16.95 9.67 6.79
N LEU A 612 18.24 9.65 7.10
CA LEU A 612 18.72 9.80 8.47
C LEU A 612 20.17 10.22 8.44
N SER A 613 20.68 10.56 9.63
CA SER A 613 22.10 10.81 9.83
C SER A 613 22.48 10.26 11.19
N THR A 614 23.77 9.99 11.36
CA THR A 614 24.22 9.35 12.60
C THR A 614 24.26 10.33 13.76
N GLN A 615 24.44 11.56 13.49
CA GLN A 615 24.53 12.61 14.48
C GLN A 615 23.28 13.48 14.47
N PRO A 616 22.95 14.14 15.58
CA PRO A 616 21.89 15.16 15.54
C PRO A 616 22.39 16.44 14.88
N GLY A 617 21.45 17.17 14.29
CA GLY A 617 21.80 18.44 13.70
C GLY A 617 21.34 18.57 12.25
N ARG A 618 20.58 17.59 11.77
CA ARG A 618 20.02 17.60 10.44
C ARG A 618 18.58 17.10 10.51
N GLU A 619 17.72 17.65 9.67
CA GLU A 619 16.32 17.27 9.64
C GLU A 619 16.08 16.26 8.53
N GLU A 620 15.14 15.36 8.76
CA GLU A 620 14.88 14.23 7.89
C GLU A 620 13.80 14.57 6.88
N GLY A 621 14.15 14.51 5.60
CA GLY A 621 13.23 14.79 4.52
C GLY A 621 13.58 16.00 3.69
N SER A 622 14.64 16.72 4.05
CA SER A 622 15.19 17.93 3.44
C SER A 622 16.10 17.59 2.29
N PRO A 623 15.70 17.83 1.04
CA PRO A 623 16.55 17.48 -0.10
C PRO A 623 17.74 18.41 -0.22
N LEU A 624 18.89 17.83 -0.53
CA LEU A 624 20.12 18.56 -0.78
C LEU A 624 20.52 18.43 -2.25
N GLU A 625 21.39 19.31 -2.71
CA GLU A 625 22.05 19.12 -3.98
C GLU A 625 23.43 18.56 -3.68
N LEU A 626 23.90 17.65 -4.53
CA LEU A 626 24.97 16.74 -4.14
C LEU A 626 26.35 17.30 -4.49
N GLU A 627 26.57 18.57 -4.14
CA GLU A 627 27.82 19.24 -4.42
C GLU A 627 28.49 19.77 -3.16
N ARG A 628 27.78 20.56 -2.35
CA ARG A 628 28.35 21.13 -1.13
C ARG A 628 28.02 20.27 0.10
N LEU A 629 28.22 18.97 -0.06
CA LEU A 629 27.96 18.04 1.04
C LEU A 629 29.13 18.10 2.02
N LYS A 630 28.95 18.88 3.07
CA LYS A 630 29.97 19.09 4.09
C LYS A 630 29.70 18.15 5.25
N LEU A 631 30.74 17.45 5.70
CA LEU A 631 30.58 16.40 6.71
C LEU A 631 31.33 16.80 7.97
N GLU A 632 30.63 16.74 9.10
CA GLU A 632 31.28 16.81 10.40
C GLU A 632 31.99 15.48 10.65
N PRO A 633 32.96 15.45 11.58
CA PRO A 633 33.67 14.21 11.87
C PRO A 633 32.76 13.10 12.39
N HIS A 634 33.07 11.86 11.95
CA HIS A 634 32.36 10.63 12.29
C HIS A 634 30.88 10.70 11.94
N GLU A 635 30.57 11.23 10.76
CA GLU A 635 29.20 11.33 10.30
C GLU A 635 28.96 10.38 9.14
N GLY A 636 27.76 9.86 9.07
CA GLY A 636 27.35 9.03 7.96
C GLY A 636 25.96 9.42 7.51
N LEU A 637 25.66 9.28 6.23
CA LEU A 637 24.39 9.72 5.68
C LEU A 637 23.70 8.59 4.95
N LEU A 638 22.41 8.74 4.70
CA LEU A 638 21.60 7.73 4.03
C LEU A 638 20.70 8.41 3.00
N LEU A 639 21.32 9.16 2.09
CA LEU A 639 20.58 9.85 1.04
C LEU A 639 19.87 8.85 0.13
N ARG A 640 18.77 9.30 -0.50
CA ARG A 640 18.10 8.45 -1.47
C ARG A 640 17.49 9.30 -2.56
N PHE A 641 17.29 8.68 -3.73
CA PHE A 641 16.75 9.38 -4.90
C PHE A 641 16.07 8.38 -5.81
N PRO A 642 15.02 8.76 -6.54
CA PRO A 642 14.28 7.79 -7.34
C PRO A 642 14.86 7.62 -8.75
N TYR A 643 14.24 6.71 -9.48
CA TYR A 643 14.69 6.37 -10.82
C TYR A 643 14.16 7.37 -11.83
N ALA A 644 15.06 8.03 -12.54
CA ALA A 644 14.71 9.01 -13.56
C ALA A 644 15.80 9.00 -14.61
N ALA A 645 15.72 9.92 -15.56
CA ALA A 645 16.73 10.05 -16.60
C ALA A 645 16.79 11.49 -17.13
N THR B 65 -42.23 -6.47 -4.87
CA THR B 65 -42.38 -7.13 -3.57
C THR B 65 -41.11 -6.93 -2.75
N LEU B 66 -40.96 -7.73 -1.70
CA LEU B 66 -39.90 -7.47 -0.72
C LEU B 66 -38.56 -7.95 -1.22
N LEU B 67 -38.47 -9.19 -1.69
CA LEU B 67 -37.20 -9.78 -2.08
C LEU B 67 -36.62 -9.14 -3.34
N ARG B 68 -37.47 -8.77 -4.29
CA ARG B 68 -36.97 -8.01 -5.43
C ARG B 68 -36.53 -6.62 -5.03
N GLY B 69 -37.07 -6.07 -3.95
CA GLY B 69 -36.60 -4.77 -3.48
C GLY B 69 -35.20 -4.82 -2.90
N VAL B 70 -34.93 -5.79 -2.02
CA VAL B 70 -33.59 -5.91 -1.51
C VAL B 70 -32.63 -6.38 -2.59
N SER B 71 -33.13 -7.10 -3.60
CA SER B 71 -32.29 -7.47 -4.74
C SER B 71 -31.91 -6.26 -5.58
N ILE B 72 -32.86 -5.36 -5.86
CA ILE B 72 -32.52 -4.23 -6.70
C ILE B 72 -31.65 -3.22 -5.95
N ILE B 73 -31.81 -3.12 -4.62
CA ILE B 73 -30.96 -2.19 -3.88
C ILE B 73 -29.55 -2.76 -3.72
N ILE B 74 -29.44 -4.06 -3.43
CA ILE B 74 -28.11 -4.68 -3.35
C ILE B 74 -27.43 -4.70 -4.70
N GLY B 75 -28.19 -4.66 -5.79
CA GLY B 75 -27.58 -4.56 -7.09
C GLY B 75 -27.14 -3.18 -7.49
N THR B 76 -27.83 -2.14 -7.03
CA THR B 76 -27.40 -0.80 -7.42
C THR B 76 -26.44 -0.17 -6.44
N ILE B 77 -26.28 -0.72 -5.24
CA ILE B 77 -25.52 -0.02 -4.22
C ILE B 77 -24.11 -0.58 -4.02
N ILE B 78 -23.84 -1.79 -4.50
CA ILE B 78 -22.47 -2.27 -4.49
C ILE B 78 -21.88 -2.07 -5.87
N GLY B 79 -20.56 -2.11 -5.94
CA GLY B 79 -19.90 -1.77 -7.18
C GLY B 79 -18.39 -1.91 -7.03
N ALA B 80 -17.70 -0.88 -7.50
CA ALA B 80 -16.25 -0.93 -7.49
C ALA B 80 -15.67 0.21 -6.66
N GLY B 81 -16.42 0.68 -5.68
CA GLY B 81 -15.92 1.73 -4.83
C GLY B 81 -15.08 1.14 -3.74
N ILE B 82 -15.27 -0.16 -3.51
CA ILE B 82 -14.53 -0.89 -2.49
C ILE B 82 -13.09 -1.15 -2.91
N PHE B 83 -12.76 -0.96 -4.19
CA PHE B 83 -11.39 -1.09 -4.66
C PHE B 83 -10.71 0.25 -4.81
N ILE B 84 -11.48 1.33 -4.91
CA ILE B 84 -10.90 2.66 -5.03
C ILE B 84 -10.69 3.27 -3.66
N SER B 85 -11.69 3.17 -2.80
CA SER B 85 -11.74 3.83 -1.50
C SER B 85 -10.68 3.49 -0.45
N PRO B 86 -10.37 2.18 -0.12
CA PRO B 86 -9.67 1.92 1.16
C PRO B 86 -8.24 2.39 1.23
N LYS B 87 -7.65 2.77 0.13
CA LYS B 87 -6.35 3.44 0.16
C LYS B 87 -6.46 4.91 0.51
N GLY B 88 -7.50 5.60 0.05
CA GLY B 88 -7.73 6.97 0.45
C GLY B 88 -8.35 7.12 1.81
N VAL B 89 -9.01 6.09 2.31
CA VAL B 89 -9.54 6.14 3.67
C VAL B 89 -8.40 6.00 4.68
N LEU B 90 -7.48 5.05 4.43
CA LEU B 90 -6.35 4.84 5.31
C LEU B 90 -5.36 6.00 5.28
N GLN B 91 -5.19 6.64 4.12
CA GLN B 91 -4.23 7.72 4.01
C GLN B 91 -4.65 8.95 4.79
N ASN B 92 -5.94 9.25 4.83
CA ASN B 92 -6.44 10.43 5.52
C ASN B 92 -6.87 10.14 6.95
N THR B 93 -6.72 8.91 7.41
CA THR B 93 -6.81 8.55 8.81
C THR B 93 -5.46 8.03 9.25
N GLY B 94 -5.42 7.40 10.42
CA GLY B 94 -4.20 6.84 10.92
C GLY B 94 -4.09 5.34 10.71
N SER B 95 -4.49 4.60 11.73
CA SER B 95 -4.29 3.15 11.79
C SER B 95 -5.46 2.40 11.14
N VAL B 96 -5.51 1.09 11.41
CA VAL B 96 -6.61 0.25 10.99
C VAL B 96 -7.92 0.61 11.68
N GLY B 97 -7.88 0.90 12.98
CA GLY B 97 -9.09 1.08 13.77
C GLY B 97 -9.91 2.29 13.41
N MET B 98 -9.27 3.45 13.24
CA MET B 98 -9.99 4.65 12.82
C MET B 98 -10.56 4.49 11.41
N SER B 99 -9.85 3.76 10.54
CA SER B 99 -10.37 3.44 9.23
C SER B 99 -11.60 2.55 9.31
N LEU B 100 -11.60 1.52 10.15
CA LEU B 100 -12.77 0.67 10.25
C LEU B 100 -13.95 1.38 10.90
N THR B 101 -13.70 2.29 11.84
CA THR B 101 -14.77 3.14 12.33
C THR B 101 -15.34 4.06 11.26
N ILE B 102 -14.50 4.60 10.37
CA ILE B 102 -15.02 5.40 9.26
C ILE B 102 -15.85 4.54 8.32
N TRP B 103 -15.40 3.32 8.05
CA TRP B 103 -16.13 2.43 7.17
C TRP B 103 -17.43 1.92 7.76
N THR B 104 -17.61 1.94 9.08
CA THR B 104 -18.92 1.63 9.63
C THR B 104 -19.76 2.85 9.97
N VAL B 105 -19.16 4.03 10.10
CA VAL B 105 -19.95 5.23 10.29
C VAL B 105 -20.62 5.65 8.99
N CYS B 106 -19.89 5.55 7.87
CA CYS B 106 -20.47 5.91 6.59
C CYS B 106 -21.61 5.01 6.17
N GLY B 107 -21.63 3.76 6.63
CA GLY B 107 -22.76 2.89 6.36
C GLY B 107 -24.05 3.33 6.98
N VAL B 108 -24.06 3.69 8.26
CA VAL B 108 -25.25 4.17 8.91
C VAL B 108 -25.60 5.60 8.50
N LEU B 109 -24.63 6.41 8.09
CA LEU B 109 -24.96 7.71 7.52
C LEU B 109 -25.66 7.57 6.18
N SER B 110 -25.23 6.62 5.34
CA SER B 110 -25.91 6.37 4.09
C SER B 110 -27.27 5.75 4.30
N LEU B 111 -27.43 4.93 5.35
CA LEU B 111 -28.75 4.43 5.72
C LEU B 111 -29.69 5.57 6.09
N PHE B 112 -29.19 6.55 6.86
CA PHE B 112 -30.03 7.68 7.27
C PHE B 112 -30.43 8.53 6.07
N GLY B 113 -29.48 8.84 5.19
CA GLY B 113 -29.79 9.60 4.00
C GLY B 113 -30.70 8.88 3.02
N ALA B 114 -30.58 7.56 2.92
CA ALA B 114 -31.48 6.81 2.06
C ALA B 114 -32.89 6.80 2.61
N LEU B 115 -33.03 6.67 3.93
CA LEU B 115 -34.33 6.76 4.57
C LEU B 115 -34.95 8.14 4.38
N SER B 116 -34.12 9.18 4.42
CA SER B 116 -34.62 10.53 4.22
C SER B 116 -35.10 10.76 2.78
N TYR B 117 -34.36 10.27 1.78
CA TYR B 117 -34.84 10.38 0.40
C TYR B 117 -36.09 9.54 0.17
N ALA B 118 -36.20 8.38 0.81
CA ALA B 118 -37.40 7.59 0.64
C ALA B 118 -38.61 8.21 1.33
N GLU B 119 -38.40 8.89 2.44
CA GLU B 119 -39.48 9.59 3.12
C GLU B 119 -39.83 10.90 2.44
N LEU B 120 -38.90 11.48 1.68
CA LEU B 120 -39.11 12.74 0.99
C LEU B 120 -39.71 12.56 -0.40
N GLY B 121 -39.38 11.49 -1.10
CA GLY B 121 -39.88 11.28 -2.44
C GLY B 121 -41.24 10.65 -2.55
N THR B 122 -41.84 10.21 -1.45
CA THR B 122 -43.21 9.74 -1.45
C THR B 122 -44.14 10.73 -0.74
N THR B 123 -43.64 11.93 -0.47
CA THR B 123 -44.48 13.02 0.01
C THR B 123 -44.70 14.10 -1.03
N ILE B 124 -43.92 14.08 -2.11
CA ILE B 124 -44.05 15.06 -3.18
C ILE B 124 -44.73 14.46 -4.40
N LYS B 125 -44.40 13.20 -4.72
CA LYS B 125 -45.11 12.35 -5.69
C LYS B 125 -45.10 12.93 -7.10
N LYS B 126 -44.06 13.69 -7.43
CA LYS B 126 -43.90 14.24 -8.77
C LYS B 126 -43.12 13.28 -9.64
N SER B 127 -42.61 13.76 -10.77
CA SER B 127 -41.97 12.91 -11.77
C SER B 127 -40.48 12.74 -11.48
N GLY B 128 -40.18 12.38 -10.23
CA GLY B 128 -38.87 11.87 -9.88
C GLY B 128 -37.70 12.83 -9.83
N GLY B 129 -36.63 12.40 -9.18
CA GLY B 129 -35.37 13.11 -9.11
C GLY B 129 -35.41 14.15 -7.99
N HIS B 130 -34.26 14.38 -7.38
CA HIS B 130 -34.15 15.46 -6.40
C HIS B 130 -33.83 16.79 -7.04
N TYR B 131 -33.92 16.88 -8.36
CA TYR B 131 -34.08 18.18 -8.99
C TYR B 131 -35.49 18.71 -8.73
N THR B 132 -36.48 17.84 -8.73
CA THR B 132 -37.85 18.20 -8.38
C THR B 132 -38.13 18.06 -6.90
N TYR B 133 -37.10 17.85 -6.08
CA TYR B 133 -37.26 17.99 -4.64
C TYR B 133 -36.68 19.29 -4.15
N ILE B 134 -35.63 19.80 -4.78
CA ILE B 134 -35.16 21.15 -4.48
C ILE B 134 -36.16 22.16 -5.00
N LEU B 135 -36.59 22.00 -6.26
CA LEU B 135 -37.80 22.67 -6.69
C LEU B 135 -38.98 22.08 -5.94
N GLU B 136 -40.00 22.91 -5.73
CA GLU B 136 -41.19 22.68 -4.91
C GLU B 136 -40.86 22.58 -3.42
N VAL B 137 -39.66 22.98 -2.99
CA VAL B 137 -39.49 23.38 -1.60
C VAL B 137 -38.61 24.62 -1.61
N PHE B 138 -38.00 24.91 -2.76
CA PHE B 138 -37.29 26.16 -2.96
C PHE B 138 -37.62 26.84 -4.28
N GLY B 139 -38.14 26.14 -5.28
CA GLY B 139 -38.76 26.75 -6.43
C GLY B 139 -37.81 27.16 -7.54
N PRO B 140 -37.46 28.45 -7.56
CA PRO B 140 -36.45 28.98 -8.50
C PRO B 140 -35.03 28.48 -8.28
N LEU B 141 -34.07 29.28 -8.73
CA LEU B 141 -32.66 29.02 -9.01
C LEU B 141 -31.84 28.14 -8.06
N PRO B 142 -32.19 27.94 -6.78
CA PRO B 142 -31.66 26.73 -6.10
C PRO B 142 -31.82 25.43 -6.87
N ALA B 143 -32.93 25.23 -7.56
CA ALA B 143 -33.08 24.04 -8.40
C ALA B 143 -32.52 24.23 -9.80
N PHE B 144 -32.18 25.45 -10.20
CA PHE B 144 -31.50 25.61 -11.48
C PHE B 144 -30.02 25.28 -11.35
N VAL B 145 -29.39 25.70 -10.25
CA VAL B 145 -27.97 25.48 -10.09
C VAL B 145 -27.64 24.02 -9.83
N ARG B 146 -28.60 23.23 -9.37
CA ARG B 146 -28.38 21.80 -9.24
C ARG B 146 -28.20 21.16 -10.61
N VAL B 147 -29.08 21.46 -11.56
CA VAL B 147 -28.98 20.86 -12.88
C VAL B 147 -27.88 21.52 -13.69
N TRP B 148 -27.35 22.67 -13.26
CA TRP B 148 -26.15 23.21 -13.87
C TRP B 148 -24.93 22.43 -13.38
N VAL B 149 -24.78 22.33 -12.06
CA VAL B 149 -23.63 21.71 -11.43
C VAL B 149 -23.61 20.20 -11.66
N GLU B 150 -24.76 19.59 -11.99
CA GLU B 150 -24.83 18.19 -12.36
C GLU B 150 -23.97 17.90 -13.57
N LEU B 151 -24.35 18.44 -14.73
CA LEU B 151 -23.65 18.18 -15.97
C LEU B 151 -22.36 18.97 -16.09
N LEU B 152 -22.10 19.94 -15.20
CA LEU B 152 -20.78 20.55 -15.27
C LEU B 152 -19.76 19.99 -14.28
N ILE B 153 -20.17 19.33 -13.21
CA ILE B 153 -19.21 18.88 -12.21
C ILE B 153 -19.39 17.41 -11.92
N ILE B 154 -20.60 16.99 -11.60
CA ILE B 154 -20.77 15.72 -10.90
C ILE B 154 -20.72 14.55 -11.85
N ARG B 155 -21.44 14.59 -12.95
CA ARG B 155 -21.47 13.44 -13.86
C ARG B 155 -20.19 13.21 -14.68
N PRO B 156 -19.50 14.25 -15.24
CA PRO B 156 -18.21 13.97 -15.88
C PRO B 156 -17.16 13.44 -14.92
N ALA B 157 -17.07 14.04 -13.73
CA ALA B 157 -16.11 13.54 -12.75
C ALA B 157 -16.55 12.22 -12.13
N ALA B 158 -17.81 11.84 -12.25
CA ALA B 158 -18.17 10.50 -11.81
C ALA B 158 -17.81 9.44 -12.82
N THR B 159 -17.96 9.72 -14.10
CA THR B 159 -17.56 8.73 -15.11
C THR B 159 -16.04 8.64 -15.20
N ALA B 160 -15.34 9.77 -15.02
CA ALA B 160 -13.90 9.85 -15.11
C ALA B 160 -13.19 9.40 -13.86
N VAL B 161 -13.84 8.62 -13.00
CA VAL B 161 -13.21 7.98 -11.86
C VAL B 161 -13.35 6.47 -11.93
N ILE B 162 -14.55 5.97 -12.25
CA ILE B 162 -14.73 4.55 -12.49
C ILE B 162 -14.01 4.14 -13.75
N SER B 163 -13.91 5.02 -14.75
CA SER B 163 -13.15 4.65 -15.93
C SER B 163 -11.66 4.59 -15.64
N LEU B 164 -11.14 5.50 -14.82
CA LEU B 164 -9.73 5.47 -14.44
C LEU B 164 -9.38 4.26 -13.60
N ALA B 165 -10.32 3.75 -12.82
CA ALA B 165 -10.07 2.48 -12.15
C ALA B 165 -10.12 1.30 -13.12
N PHE B 166 -11.08 1.32 -14.06
CA PHE B 166 -11.22 0.24 -15.03
C PHE B 166 -9.98 0.08 -15.88
N GLY B 167 -9.46 1.18 -16.42
CA GLY B 167 -8.26 1.13 -17.22
C GLY B 167 -7.03 0.70 -16.49
N ARG B 168 -6.92 1.03 -15.20
CA ARG B 168 -5.87 0.53 -14.34
C ARG B 168 -5.93 -0.97 -14.15
N TYR B 169 -7.12 -1.54 -14.00
CA TYR B 169 -7.19 -2.93 -13.61
C TYR B 169 -7.18 -3.92 -14.78
N ILE B 170 -6.99 -3.48 -16.02
CA ILE B 170 -6.88 -4.46 -17.10
C ILE B 170 -5.47 -4.47 -17.64
N LEU B 171 -4.66 -3.49 -17.24
CA LEU B 171 -3.25 -3.49 -17.59
C LEU B 171 -2.41 -4.22 -16.58
N GLU B 172 -3.03 -4.90 -15.63
CA GLU B 172 -2.33 -5.66 -14.60
C GLU B 172 -1.83 -7.04 -15.04
N PRO B 173 -2.51 -7.79 -15.95
CA PRO B 173 -1.84 -8.99 -16.50
C PRO B 173 -0.75 -8.72 -17.52
N PHE B 174 -0.37 -7.45 -17.73
CA PHE B 174 0.72 -7.12 -18.63
C PHE B 174 1.87 -6.40 -17.94
N PHE B 175 1.70 -6.04 -16.69
CA PHE B 175 2.69 -5.28 -15.93
C PHE B 175 2.87 -5.89 -14.54
N ILE B 176 3.08 -7.21 -14.50
CA ILE B 176 3.10 -7.94 -13.24
C ILE B 176 4.32 -7.54 -12.42
N GLN B 177 4.07 -6.85 -11.30
CA GLN B 177 5.07 -6.30 -10.39
C GLN B 177 6.01 -5.34 -11.10
N CYS B 178 5.42 -4.39 -11.83
CA CYS B 178 6.20 -3.33 -12.42
C CYS B 178 5.32 -2.09 -12.59
N GLU B 179 5.95 -0.99 -13.01
CA GLU B 179 5.32 0.32 -13.03
C GLU B 179 4.67 0.60 -14.38
N ILE B 180 3.54 1.30 -14.37
CA ILE B 180 2.74 1.54 -15.57
C ILE B 180 2.84 3.01 -15.95
N PRO B 181 3.02 3.36 -17.23
CA PRO B 181 2.91 4.76 -17.63
C PRO B 181 1.48 5.24 -17.59
N GLU B 182 1.29 6.51 -17.20
CA GLU B 182 -0.07 7.04 -17.03
C GLU B 182 -0.77 7.23 -18.36
N LEU B 183 -0.01 7.59 -19.40
CA LEU B 183 -0.57 7.75 -20.73
C LEU B 183 -0.93 6.44 -21.37
N ALA B 184 -0.47 5.32 -20.83
CA ALA B 184 -1.01 4.03 -21.22
C ALA B 184 -2.36 3.78 -20.59
N ILE B 185 -2.59 4.30 -19.39
CA ILE B 185 -3.87 4.11 -18.73
C ILE B 185 -4.94 4.95 -19.41
N LYS B 186 -4.65 6.24 -19.58
CA LYS B 186 -5.68 7.21 -19.97
C LYS B 186 -6.23 6.94 -21.35
N LEU B 187 -5.41 6.46 -22.28
CA LEU B 187 -5.87 6.11 -23.62
C LEU B 187 -6.50 4.72 -23.69
N ILE B 188 -6.75 4.08 -22.55
CA ILE B 188 -7.48 2.82 -22.55
C ILE B 188 -8.81 3.07 -21.85
N THR B 189 -8.76 3.91 -20.81
CA THR B 189 -9.99 4.44 -20.23
C THR B 189 -10.81 5.21 -21.26
N ALA B 190 -10.14 6.00 -22.11
CA ALA B 190 -10.83 6.72 -23.16
C ALA B 190 -11.22 5.86 -24.34
N VAL B 191 -11.01 4.55 -24.28
CA VAL B 191 -11.53 3.61 -25.25
C VAL B 191 -12.76 2.98 -24.61
N GLY B 192 -12.65 2.65 -23.33
CA GLY B 192 -13.75 2.03 -22.62
C GLY B 192 -14.97 2.92 -22.48
N ILE B 193 -14.76 4.22 -22.25
CA ILE B 193 -15.88 5.16 -22.15
C ILE B 193 -16.64 5.24 -23.46
N THR B 194 -15.93 5.38 -24.57
CA THR B 194 -16.59 5.46 -25.86
C THR B 194 -17.26 4.16 -26.26
N VAL B 195 -16.72 3.01 -25.87
CA VAL B 195 -17.42 1.77 -26.15
C VAL B 195 -18.71 1.69 -25.34
N VAL B 196 -18.69 2.19 -24.10
CA VAL B 196 -19.90 2.29 -23.28
C VAL B 196 -20.94 3.20 -23.97
N MET B 197 -20.48 4.33 -24.49
CA MET B 197 -21.43 5.29 -25.07
C MET B 197 -21.96 4.83 -26.41
N VAL B 198 -21.15 4.14 -27.21
CA VAL B 198 -21.65 3.56 -28.45
C VAL B 198 -22.62 2.43 -28.16
N LEU B 199 -22.39 1.65 -27.10
CA LEU B 199 -23.36 0.65 -26.69
C LEU B 199 -24.66 1.28 -26.21
N ASN B 200 -24.58 2.44 -25.59
CA ASN B 200 -25.80 3.10 -25.12
C ASN B 200 -26.56 3.79 -26.24
N SER B 201 -25.85 4.29 -27.26
CA SER B 201 -26.52 4.93 -28.39
C SER B 201 -27.16 3.92 -29.35
N MET B 202 -26.83 2.64 -29.25
CA MET B 202 -27.60 1.59 -29.90
C MET B 202 -28.68 1.13 -28.93
N SER B 203 -29.26 -0.04 -29.16
CA SER B 203 -30.50 -0.42 -28.49
C SER B 203 -30.33 -0.60 -26.98
N VAL B 204 -31.39 -0.29 -26.25
CA VAL B 204 -31.40 -0.30 -24.79
C VAL B 204 -31.63 -1.74 -24.33
N SER B 205 -32.23 -2.55 -25.22
CA SER B 205 -32.58 -3.92 -24.88
C SER B 205 -31.35 -4.77 -24.63
N TRP B 206 -30.27 -4.54 -25.35
CA TRP B 206 -29.02 -5.21 -25.03
C TRP B 206 -28.34 -4.56 -23.84
N SER B 207 -28.51 -3.26 -23.70
CA SER B 207 -27.90 -2.44 -22.65
C SER B 207 -28.42 -2.75 -21.29
N ALA B 208 -29.56 -3.41 -21.12
CA ALA B 208 -29.99 -3.85 -19.79
C ALA B 208 -29.58 -5.27 -19.46
N ARG B 209 -29.67 -6.18 -20.43
CA ARG B 209 -29.25 -7.56 -20.19
C ARG B 209 -27.74 -7.70 -20.11
N ILE B 210 -26.99 -6.72 -20.61
CA ILE B 210 -25.56 -6.68 -20.31
C ILE B 210 -25.34 -6.29 -18.84
N GLN B 211 -26.11 -5.30 -18.39
CA GLN B 211 -26.03 -4.83 -17.02
C GLN B 211 -26.30 -5.94 -16.01
N ILE B 212 -27.28 -6.79 -16.30
CA ILE B 212 -27.61 -7.89 -15.38
C ILE B 212 -26.41 -8.82 -15.19
N PHE B 213 -25.74 -9.16 -16.31
CA PHE B 213 -24.55 -10.01 -16.24
C PHE B 213 -23.42 -9.31 -15.51
N LEU B 214 -23.27 -8.00 -15.69
CA LEU B 214 -22.25 -7.27 -14.94
C LEU B 214 -22.60 -7.13 -13.46
N THR B 215 -23.90 -7.17 -13.11
CA THR B 215 -24.27 -7.22 -11.71
C THR B 215 -23.82 -8.52 -11.06
N PHE B 216 -24.05 -9.64 -11.75
CA PHE B 216 -23.57 -10.92 -11.19
C PHE B 216 -22.04 -10.98 -11.18
N CYS B 217 -21.40 -10.30 -12.12
CA CYS B 217 -19.93 -10.19 -12.11
C CYS B 217 -19.43 -9.41 -10.91
N LYS B 218 -20.09 -8.32 -10.53
CA LYS B 218 -19.60 -7.56 -9.38
C LYS B 218 -19.88 -8.28 -8.07
N LEU B 219 -20.96 -9.09 -8.03
CA LEU B 219 -21.18 -9.95 -6.85
C LEU B 219 -20.07 -10.97 -6.70
N THR B 220 -19.70 -11.65 -7.80
CA THR B 220 -18.61 -12.63 -7.70
C THR B 220 -17.27 -11.97 -7.43
N ALA B 221 -17.07 -10.73 -7.90
CA ALA B 221 -15.84 -10.00 -7.60
C ALA B 221 -15.73 -9.64 -6.13
N ILE B 222 -16.85 -9.36 -5.45
CA ILE B 222 -16.80 -9.20 -4.01
C ILE B 222 -16.54 -10.54 -3.32
N LEU B 223 -17.20 -11.60 -3.82
CA LEU B 223 -17.16 -12.88 -3.13
C LEU B 223 -15.80 -13.56 -3.18
N ILE B 224 -15.06 -13.43 -4.29
CA ILE B 224 -13.78 -14.13 -4.39
C ILE B 224 -12.67 -13.36 -3.68
N ILE B 225 -13.02 -12.23 -3.06
CA ILE B 225 -12.17 -11.62 -2.06
C ILE B 225 -12.64 -11.94 -0.65
N ILE B 226 -13.96 -12.02 -0.42
CA ILE B 226 -14.43 -12.20 0.95
C ILE B 226 -14.28 -13.66 1.40
N VAL B 227 -14.17 -14.60 0.46
CA VAL B 227 -13.93 -15.99 0.89
C VAL B 227 -12.48 -16.24 1.29
N PRO B 228 -11.43 -15.93 0.51
CA PRO B 228 -10.08 -16.21 1.03
C PRO B 228 -9.57 -15.18 2.01
N GLY B 229 -10.40 -14.27 2.51
CA GLY B 229 -9.98 -13.33 3.51
C GLY B 229 -10.39 -13.76 4.89
N VAL B 230 -11.30 -14.73 4.97
CA VAL B 230 -11.67 -15.35 6.23
C VAL B 230 -11.04 -16.74 6.40
N MET B 231 -10.64 -17.41 5.31
CA MET B 231 -9.84 -18.62 5.43
C MET B 231 -8.44 -18.34 5.92
N GLN B 232 -7.96 -17.11 5.78
CA GLN B 232 -6.75 -16.66 6.43
C GLN B 232 -7.02 -16.16 7.85
N LEU B 233 -8.28 -15.89 8.18
CA LEU B 233 -8.63 -15.44 9.51
C LEU B 233 -8.82 -16.57 10.50
N ILE B 234 -9.67 -17.55 10.23
CA ILE B 234 -9.66 -18.73 11.08
C ILE B 234 -8.69 -19.72 10.46
N LYS B 235 -7.40 -19.41 10.57
CA LYS B 235 -6.27 -20.30 10.36
C LYS B 235 -5.05 -19.61 10.91
N GLY B 236 -4.47 -20.12 11.99
CA GLY B 236 -3.31 -19.48 12.59
C GLY B 236 -3.55 -18.19 13.36
N GLN B 237 -4.71 -17.55 13.15
CA GLN B 237 -5.06 -16.23 13.68
C GLN B 237 -4.00 -15.21 13.32
N THR B 238 -3.84 -14.98 12.03
CA THR B 238 -2.86 -14.02 11.52
C THR B 238 -3.39 -12.63 11.80
N GLN B 239 -2.67 -11.87 12.62
CA GLN B 239 -3.12 -10.55 13.05
C GLN B 239 -2.00 -9.55 12.94
N ASN B 240 -2.29 -8.45 12.28
CA ASN B 240 -1.44 -7.26 12.28
C ASN B 240 -2.26 -6.01 12.58
N PHE B 241 -3.42 -6.20 13.20
CA PHE B 241 -4.27 -5.09 13.59
C PHE B 241 -3.79 -4.57 14.94
N LYS B 242 -3.02 -5.39 15.65
CA LYS B 242 -2.47 -5.05 16.97
C LYS B 242 -2.05 -3.59 17.05
N ASP B 243 -2.61 -2.89 18.03
CA ASP B 243 -2.35 -1.47 18.25
C ASP B 243 -3.35 -0.66 17.39
N ALA B 244 -4.43 -1.34 17.01
CA ALA B 244 -5.51 -0.82 16.18
C ALA B 244 -5.67 0.69 16.17
N PHE B 245 -5.90 1.28 17.33
CA PHE B 245 -6.09 2.72 17.40
C PHE B 245 -4.83 3.56 17.55
N SER B 246 -3.69 3.01 17.13
CA SER B 246 -2.43 3.73 17.18
C SER B 246 -2.20 4.19 15.75
N GLY B 247 -2.38 5.49 15.49
CA GLY B 247 -2.24 5.98 14.14
C GLY B 247 -0.91 6.62 13.86
N ARG B 248 -0.88 7.42 12.80
CA ARG B 248 0.30 8.19 12.43
C ARG B 248 0.16 9.61 12.99
N ASP B 249 -0.11 9.62 14.29
CA ASP B 249 0.13 10.69 15.27
C ASP B 249 -0.82 11.88 15.18
N SER B 250 -1.58 11.99 14.08
CA SER B 250 -2.62 13.02 13.90
C SER B 250 -3.40 12.78 12.62
N SER B 251 -4.71 12.99 12.67
CA SER B 251 -5.54 13.28 11.51
C SER B 251 -6.77 14.03 11.97
N ILE B 252 -6.76 15.35 11.90
CA ILE B 252 -7.92 16.15 12.27
C ILE B 252 -8.32 17.13 11.17
N THR B 253 -7.38 17.68 10.41
CA THR B 253 -7.75 18.63 9.36
C THR B 253 -8.07 17.94 8.05
N ARG B 254 -7.75 16.66 7.93
CA ARG B 254 -8.12 15.87 6.77
C ARG B 254 -9.01 14.69 7.15
N LEU B 255 -9.77 14.85 8.24
CA LEU B 255 -10.87 13.92 8.51
C LEU B 255 -11.94 13.89 7.44
N PRO B 256 -12.49 15.02 6.93
CA PRO B 256 -13.62 14.88 5.98
C PRO B 256 -13.23 14.28 4.65
N LEU B 257 -11.94 14.31 4.30
CA LEU B 257 -11.43 13.59 3.14
C LEU B 257 -11.78 12.11 3.20
N ALA B 258 -11.59 11.49 4.37
CA ALA B 258 -12.05 10.13 4.57
C ALA B 258 -13.55 10.01 4.43
N PHE B 259 -14.30 11.02 4.90
CA PHE B 259 -15.74 11.07 4.67
C PHE B 259 -16.05 11.13 3.18
N TYR B 260 -15.19 11.78 2.40
CA TYR B 260 -15.42 11.81 0.97
C TYR B 260 -15.10 10.47 0.32
N TYR B 261 -14.25 9.66 0.92
CA TYR B 261 -13.88 8.38 0.32
C TYR B 261 -14.73 7.24 0.82
N GLY B 262 -15.32 7.35 2.01
CA GLY B 262 -16.21 6.31 2.48
C GLY B 262 -17.57 6.36 1.81
N MET B 263 -18.14 7.56 1.69
CA MET B 263 -19.49 7.70 1.16
C MET B 263 -19.56 7.33 -0.32
N TYR B 264 -18.46 7.56 -1.04
CA TYR B 264 -18.36 7.12 -2.42
C TYR B 264 -18.43 5.61 -2.55
N ALA B 265 -18.06 4.89 -1.49
CA ALA B 265 -18.22 3.45 -1.48
C ALA B 265 -19.66 3.01 -1.45
N TYR B 266 -20.57 3.85 -0.99
CA TYR B 266 -21.96 3.46 -0.83
C TYR B 266 -22.88 4.12 -1.82
N ALA B 267 -22.33 4.82 -2.80
CA ALA B 267 -23.09 5.68 -3.70
C ALA B 267 -24.01 4.85 -4.60
N GLY B 268 -25.18 5.41 -4.88
CA GLY B 268 -26.14 4.73 -5.71
C GLY B 268 -27.58 4.87 -5.27
N TRP B 269 -27.82 5.09 -3.99
CA TRP B 269 -29.20 5.16 -3.50
C TRP B 269 -29.95 6.37 -4.00
N PHE B 270 -29.25 7.44 -4.36
CA PHE B 270 -29.87 8.70 -4.72
C PHE B 270 -30.23 8.77 -6.21
N TYR B 271 -30.26 7.62 -6.88
CA TYR B 271 -30.83 7.51 -8.21
C TYR B 271 -31.98 6.51 -8.23
N LEU B 272 -32.45 6.08 -7.06
CA LEU B 272 -33.41 4.99 -6.99
C LEU B 272 -34.82 5.41 -7.34
N ASN B 273 -35.23 6.64 -7.01
CA ASN B 273 -36.45 7.28 -7.50
C ASN B 273 -37.71 6.50 -7.10
N PHE B 274 -37.94 6.42 -5.79
CA PHE B 274 -39.03 5.65 -5.24
C PHE B 274 -40.38 6.28 -5.55
N VAL B 275 -41.26 5.50 -6.18
CA VAL B 275 -42.62 5.93 -6.50
C VAL B 275 -43.54 4.97 -5.76
N THR B 276 -44.67 5.51 -5.28
CA THR B 276 -45.38 4.92 -4.15
C THR B 276 -46.10 3.62 -4.49
N GLU B 277 -47.02 3.63 -5.44
CA GLU B 277 -47.80 2.43 -5.74
C GLU B 277 -47.16 1.71 -6.93
N GLU B 278 -46.02 1.09 -6.64
CA GLU B 278 -45.44 0.08 -7.51
C GLU B 278 -44.98 -1.14 -6.75
N VAL B 279 -44.76 -1.02 -5.45
CA VAL B 279 -44.35 -2.14 -4.62
C VAL B 279 -45.55 -2.58 -3.81
N GLU B 280 -45.61 -3.87 -3.49
CA GLU B 280 -46.76 -4.46 -2.82
C GLU B 280 -46.67 -4.11 -1.34
N ASN B 281 -47.79 -3.60 -0.80
CA ASN B 281 -47.95 -3.08 0.56
C ASN B 281 -46.92 -1.98 0.85
N PRO B 282 -47.03 -0.82 0.21
CA PRO B 282 -45.94 0.16 0.26
C PRO B 282 -45.90 1.03 1.50
N GLU B 283 -46.72 0.76 2.51
CA GLU B 283 -46.65 1.56 3.73
C GLU B 283 -45.45 1.16 4.58
N LYS B 284 -44.96 -0.06 4.43
CA LYS B 284 -43.90 -0.59 5.26
C LYS B 284 -42.77 -1.25 4.47
N THR B 285 -42.97 -1.46 3.16
CA THR B 285 -42.01 -2.23 2.38
C THR B 285 -40.71 -1.46 2.15
N ILE B 286 -40.83 -0.18 1.78
CA ILE B 286 -39.66 0.60 1.40
C ILE B 286 -38.66 0.81 2.54
N PRO B 287 -39.06 1.31 3.76
CA PRO B 287 -38.03 1.51 4.79
C PRO B 287 -37.46 0.21 5.33
N LEU B 288 -38.27 -0.84 5.36
CA LEU B 288 -37.80 -2.16 5.78
C LEU B 288 -36.75 -2.72 4.83
N ALA B 289 -37.03 -2.65 3.53
CA ALA B 289 -36.07 -3.10 2.53
C ALA B 289 -34.80 -2.28 2.56
N ILE B 290 -34.92 -0.96 2.75
CA ILE B 290 -33.72 -0.13 2.81
C ILE B 290 -32.88 -0.45 4.03
N CYS B 291 -33.51 -0.64 5.21
CA CYS B 291 -32.70 -0.86 6.39
C CYS B 291 -32.13 -2.26 6.45
N ILE B 292 -32.77 -3.25 5.81
CA ILE B 292 -32.14 -4.56 5.72
C ILE B 292 -30.98 -4.52 4.74
N SER B 293 -31.26 -4.08 3.51
CA SER B 293 -30.29 -4.13 2.43
C SER B 293 -29.35 -2.94 2.41
N MET B 294 -29.25 -2.21 3.51
CA MET B 294 -28.11 -1.34 3.72
C MET B 294 -27.16 -1.90 4.78
N ALA B 295 -27.69 -2.49 5.84
CA ALA B 295 -26.85 -3.10 6.85
C ALA B 295 -26.16 -4.35 6.31
N ILE B 296 -26.80 -5.02 5.34
CA ILE B 296 -26.12 -6.13 4.66
C ILE B 296 -24.86 -5.63 3.94
N VAL B 297 -24.96 -4.47 3.29
CA VAL B 297 -23.81 -3.89 2.60
C VAL B 297 -22.77 -3.44 3.59
N THR B 298 -23.19 -2.90 4.74
CA THR B 298 -22.23 -2.46 5.74
C THR B 298 -21.46 -3.64 6.32
N ILE B 299 -22.14 -4.76 6.55
CA ILE B 299 -21.45 -5.99 6.95
C ILE B 299 -20.45 -6.43 5.88
N GLY B 300 -20.92 -6.60 4.65
CA GLY B 300 -20.07 -7.06 3.56
C GLY B 300 -18.95 -6.11 3.17
N TYR B 301 -19.05 -4.85 3.57
CA TYR B 301 -18.02 -3.87 3.29
C TYR B 301 -17.04 -3.68 4.44
N VAL B 302 -17.42 -4.02 5.68
CA VAL B 302 -16.42 -3.97 6.72
C VAL B 302 -15.61 -5.28 6.75
N LEU B 303 -16.24 -6.42 6.45
CA LEU B 303 -15.46 -7.66 6.41
C LEU B 303 -14.48 -7.69 5.25
N THR B 304 -14.75 -6.96 4.18
CA THR B 304 -13.79 -6.91 3.09
C THR B 304 -12.57 -6.06 3.45
N ASN B 305 -12.75 -5.01 4.23
CA ASN B 305 -11.58 -4.27 4.70
C ASN B 305 -10.81 -5.06 5.75
N VAL B 306 -11.51 -5.88 6.54
CA VAL B 306 -10.82 -6.84 7.41
C VAL B 306 -10.01 -7.83 6.57
N ALA B 307 -10.59 -8.29 5.46
CA ALA B 307 -9.90 -9.21 4.56
C ALA B 307 -8.72 -8.55 3.87
N TYR B 308 -8.78 -7.25 3.63
CA TYR B 308 -7.62 -6.55 3.10
C TYR B 308 -6.53 -6.39 4.14
N PHE B 309 -6.88 -6.04 5.37
CA PHE B 309 -5.89 -5.84 6.41
C PHE B 309 -5.34 -7.13 6.99
N THR B 310 -5.96 -8.28 6.72
CA THR B 310 -5.46 -9.54 7.26
C THR B 310 -4.25 -10.06 6.52
N THR B 311 -3.89 -9.47 5.38
CA THR B 311 -2.75 -9.95 4.62
C THR B 311 -1.80 -8.83 4.23
N ILE B 312 -2.20 -7.57 4.41
CA ILE B 312 -1.40 -6.41 4.05
C ILE B 312 -1.29 -5.52 5.28
N ASN B 313 -0.08 -5.08 5.58
CA ASN B 313 0.12 -4.14 6.67
C ASN B 313 -0.36 -2.76 6.25
N ALA B 314 -0.38 -1.81 7.18
CA ALA B 314 -0.88 -0.46 6.90
C ALA B 314 0.14 0.42 6.19
N GLU B 315 1.29 -0.13 5.79
CA GLU B 315 2.31 0.63 5.09
C GLU B 315 2.61 0.08 3.71
N GLU B 316 2.28 -1.18 3.44
CA GLU B 316 2.29 -1.67 2.07
C GLU B 316 1.11 -1.11 1.29
N LEU B 317 0.03 -0.78 2.00
CA LEU B 317 -1.19 -0.34 1.35
C LEU B 317 -1.13 1.11 0.90
N LEU B 318 -0.28 1.92 1.51
CA LEU B 318 -0.11 3.30 1.04
C LEU B 318 0.80 3.41 -0.17
N LEU B 319 1.70 2.46 -0.38
CA LEU B 319 2.61 2.52 -1.52
C LEU B 319 2.08 1.74 -2.72
N SER B 320 0.93 1.08 -2.58
CA SER B 320 0.37 0.27 -3.65
C SER B 320 -0.74 1.02 -4.37
N ASN B 321 -0.88 0.71 -5.66
CA ASN B 321 -1.87 1.37 -6.51
C ASN B 321 -3.05 0.48 -6.86
N ALA B 322 -3.01 -0.80 -6.52
CA ALA B 322 -4.15 -1.67 -6.73
C ALA B 322 -4.13 -2.72 -5.62
N VAL B 323 -4.97 -2.53 -4.61
CA VAL B 323 -4.95 -3.42 -3.46
C VAL B 323 -5.51 -4.80 -3.79
N ALA B 324 -6.39 -4.90 -4.79
CA ALA B 324 -6.97 -6.18 -5.15
C ALA B 324 -6.01 -7.06 -5.93
N VAL B 325 -4.90 -6.52 -6.42
CA VAL B 325 -3.91 -7.39 -7.07
C VAL B 325 -2.81 -7.80 -6.09
N THR B 326 -2.57 -7.00 -5.05
CA THR B 326 -1.63 -7.45 -4.04
C THR B 326 -2.29 -8.35 -3.01
N PHE B 327 -3.61 -8.33 -2.93
CA PHE B 327 -4.30 -9.38 -2.20
C PHE B 327 -4.16 -10.71 -2.91
N SER B 328 -4.24 -10.70 -4.25
CA SER B 328 -4.23 -11.96 -4.98
C SER B 328 -2.82 -12.46 -5.24
N GLU B 329 -1.84 -11.56 -5.30
CA GLU B 329 -0.49 -11.97 -5.66
C GLU B 329 0.21 -12.73 -4.54
N ARG B 330 -0.31 -12.66 -3.31
CA ARG B 330 0.19 -13.48 -2.22
C ARG B 330 -0.82 -14.52 -1.77
N LEU B 331 -1.92 -14.66 -2.51
CA LEU B 331 -2.96 -15.66 -2.24
C LEU B 331 -3.25 -16.39 -3.56
N LEU B 332 -2.19 -16.93 -4.14
CA LEU B 332 -2.13 -17.50 -5.48
C LEU B 332 -2.83 -18.85 -5.56
N GLY B 333 -2.48 -19.67 -6.54
CA GLY B 333 -3.26 -20.82 -6.90
C GLY B 333 -3.31 -20.95 -8.40
N ASN B 334 -2.43 -20.18 -9.05
CA ASN B 334 -2.06 -20.26 -10.47
C ASN B 334 -3.16 -19.76 -11.40
N PHE B 335 -4.27 -19.31 -10.86
CA PHE B 335 -5.18 -18.42 -11.58
C PHE B 335 -5.47 -17.31 -10.58
N SER B 336 -4.56 -16.33 -10.53
CA SER B 336 -4.77 -15.07 -9.82
C SER B 336 -4.90 -13.94 -10.81
N LEU B 337 -4.99 -14.28 -12.10
CA LEU B 337 -5.44 -13.37 -13.12
C LEU B 337 -6.95 -13.32 -13.22
N ALA B 338 -7.65 -14.01 -12.32
CA ALA B 338 -9.10 -13.94 -12.28
C ALA B 338 -9.55 -12.59 -11.74
N VAL B 339 -8.97 -12.16 -10.62
CA VAL B 339 -9.45 -10.96 -9.95
C VAL B 339 -9.15 -9.65 -10.71
N PRO B 340 -8.08 -9.46 -11.51
CA PRO B 340 -8.07 -8.24 -12.34
C PRO B 340 -9.02 -8.28 -13.52
N ILE B 341 -9.62 -9.42 -13.83
CA ILE B 341 -10.71 -9.49 -14.78
C ILE B 341 -12.04 -9.15 -14.11
N PHE B 342 -12.28 -9.70 -12.93
CA PHE B 342 -13.56 -9.48 -12.29
C PHE B 342 -13.68 -8.09 -11.67
N VAL B 343 -12.58 -7.52 -11.16
CA VAL B 343 -12.62 -6.11 -10.77
C VAL B 343 -12.83 -5.19 -11.95
N ALA B 344 -12.33 -5.54 -13.12
CA ALA B 344 -12.63 -4.82 -14.34
C ALA B 344 -14.08 -4.91 -14.75
N LEU B 345 -14.69 -6.08 -14.60
CA LEU B 345 -16.10 -6.21 -14.97
C LEU B 345 -17.00 -5.48 -13.98
N SER B 346 -16.61 -5.45 -12.70
CA SER B 346 -17.33 -4.60 -11.76
C SER B 346 -17.14 -3.11 -12.03
N CYS B 347 -15.97 -2.69 -12.52
CA CYS B 347 -15.79 -1.31 -12.94
C CYS B 347 -16.53 -0.99 -14.22
N PHE B 348 -16.78 -1.98 -15.06
CA PHE B 348 -17.53 -1.74 -16.29
C PHE B 348 -19.01 -1.67 -16.03
N GLY B 349 -19.50 -2.43 -15.04
CA GLY B 349 -20.91 -2.38 -14.67
C GLY B 349 -21.35 -1.04 -14.16
N SER B 350 -20.47 -0.29 -13.50
CA SER B 350 -20.81 1.04 -13.04
C SER B 350 -20.67 2.07 -14.15
N MET B 351 -19.78 1.84 -15.12
CA MET B 351 -19.69 2.72 -16.26
C MET B 351 -20.92 2.59 -17.13
N ASN B 352 -21.47 1.38 -17.24
CA ASN B 352 -22.63 1.15 -18.09
C ASN B 352 -23.89 1.78 -17.50
N GLY B 353 -23.90 2.06 -16.20
CA GLY B 353 -24.98 2.81 -15.58
C GLY B 353 -24.79 4.29 -15.77
N GLY B 354 -24.67 4.72 -17.03
CA GLY B 354 -24.15 6.02 -17.38
C GLY B 354 -25.20 7.04 -17.74
N VAL B 355 -25.46 7.16 -19.03
CA VAL B 355 -26.31 8.19 -19.62
C VAL B 355 -27.76 8.02 -19.16
N PHE B 356 -28.13 6.82 -18.73
CA PHE B 356 -29.43 6.62 -18.13
C PHE B 356 -29.40 7.12 -16.70
N ALA B 357 -30.54 7.71 -16.27
CA ALA B 357 -30.80 8.52 -15.07
C ALA B 357 -30.21 9.92 -15.19
N VAL B 358 -29.45 10.17 -16.26
CA VAL B 358 -29.17 11.52 -16.68
C VAL B 358 -30.21 11.94 -17.71
N SER B 359 -30.68 10.98 -18.50
CA SER B 359 -31.61 11.24 -19.58
C SER B 359 -32.97 11.67 -19.07
N ARG B 360 -33.50 10.95 -18.09
CA ARG B 360 -34.80 11.34 -17.53
C ARG B 360 -34.68 12.61 -16.69
N LEU B 361 -33.50 12.85 -16.12
CA LEU B 361 -33.24 14.13 -15.47
C LEU B 361 -33.26 15.27 -16.47
N PHE B 362 -32.68 15.06 -17.65
CA PHE B 362 -32.72 16.05 -18.71
C PHE B 362 -34.14 16.24 -19.23
N TYR B 363 -34.93 15.17 -19.24
CA TYR B 363 -36.32 15.26 -19.65
C TYR B 363 -37.15 16.10 -18.69
N VAL B 364 -36.95 15.90 -17.40
CA VAL B 364 -37.68 16.70 -16.41
C VAL B 364 -37.20 18.15 -16.38
N ALA B 365 -35.89 18.39 -16.52
CA ALA B 365 -35.39 19.76 -16.47
C ALA B 365 -35.74 20.53 -17.74
N SER B 366 -35.86 19.85 -18.87
CA SER B 366 -36.20 20.49 -20.13
C SER B 366 -37.68 20.81 -20.22
N ARG B 367 -38.50 20.25 -19.34
CA ARG B 367 -39.93 20.46 -19.40
C ARG B 367 -40.36 21.82 -18.88
N GLU B 368 -39.48 22.59 -18.22
CA GLU B 368 -39.95 23.87 -17.73
C GLU B 368 -39.28 25.07 -18.38
N GLY B 369 -38.02 25.31 -18.05
CA GLY B 369 -37.34 26.44 -18.64
C GLY B 369 -35.86 26.27 -18.82
N HIS B 370 -35.32 25.19 -18.25
CA HIS B 370 -33.89 25.00 -18.21
C HIS B 370 -33.50 23.99 -19.26
N LEU B 371 -32.20 24.00 -19.64
CA LEU B 371 -31.58 22.99 -20.49
C LEU B 371 -32.27 22.81 -21.83
N PRO B 372 -31.95 23.68 -22.84
CA PRO B 372 -32.75 23.81 -24.09
C PRO B 372 -33.21 22.54 -24.77
N GLU B 373 -34.35 22.63 -25.45
CA GLU B 373 -35.16 21.48 -25.85
C GLU B 373 -34.49 20.55 -26.83
N ILE B 374 -33.30 20.90 -27.35
CA ILE B 374 -32.52 19.96 -28.14
C ILE B 374 -32.10 18.78 -27.27
N LEU B 375 -31.76 19.04 -26.02
CA LEU B 375 -31.58 17.95 -25.08
C LEU B 375 -32.92 17.30 -24.79
N SER B 376 -32.87 16.02 -24.39
CA SER B 376 -34.05 15.16 -24.21
C SER B 376 -34.89 15.05 -25.48
N MET B 377 -34.24 15.17 -26.63
CA MET B 377 -34.81 14.71 -27.88
C MET B 377 -34.24 13.33 -28.17
N ILE B 378 -34.95 12.57 -28.98
CA ILE B 378 -34.76 11.13 -29.08
C ILE B 378 -34.61 10.77 -30.55
N HIS B 379 -33.66 9.89 -30.84
CA HIS B 379 -33.48 9.36 -32.18
C HIS B 379 -34.72 8.64 -32.67
N VAL B 380 -35.03 8.80 -33.97
CA VAL B 380 -36.28 8.36 -34.56
C VAL B 380 -36.42 6.83 -34.52
N ARG B 381 -35.60 6.12 -35.28
CA ARG B 381 -35.48 4.69 -35.06
C ARG B 381 -34.42 4.45 -34.01
N LYS B 382 -34.55 3.35 -33.28
CA LYS B 382 -33.69 3.01 -32.13
C LYS B 382 -33.73 4.14 -31.10
N HIS B 383 -34.88 4.25 -30.44
CA HIS B 383 -35.27 5.44 -29.69
C HIS B 383 -34.43 5.63 -28.43
N THR B 384 -33.21 6.11 -28.59
CA THR B 384 -32.24 6.26 -27.52
C THR B 384 -31.75 7.69 -27.42
N PRO B 385 -31.42 8.17 -26.21
CA PRO B 385 -30.99 9.57 -26.09
C PRO B 385 -29.57 9.80 -26.57
N LEU B 386 -29.44 10.39 -27.72
CA LEU B 386 -28.13 10.73 -28.27
C LEU B 386 -27.53 12.07 -27.81
N PRO B 387 -28.25 13.21 -27.75
CA PRO B 387 -27.56 14.45 -27.37
C PRO B 387 -27.11 14.51 -25.93
N ALA B 388 -27.64 13.68 -25.04
CA ALA B 388 -27.07 13.57 -23.71
C ALA B 388 -25.67 12.95 -23.78
N VAL B 389 -25.49 11.95 -24.63
CA VAL B 389 -24.17 11.37 -24.88
C VAL B 389 -23.25 12.41 -25.50
N ILE B 390 -23.77 13.18 -26.46
CA ILE B 390 -22.97 14.19 -27.15
C ILE B 390 -22.54 15.30 -26.18
N VAL B 391 -23.38 15.64 -25.21
CA VAL B 391 -22.99 16.69 -24.27
C VAL B 391 -22.16 16.13 -23.12
N LEU B 392 -22.21 14.83 -22.86
CA LEU B 392 -21.44 14.27 -21.76
C LEU B 392 -20.02 13.93 -22.16
N HIS B 393 -19.82 13.50 -23.41
CA HIS B 393 -18.54 12.90 -23.79
C HIS B 393 -17.35 13.87 -23.81
N PRO B 394 -17.37 15.04 -24.46
CA PRO B 394 -16.19 15.91 -24.40
C PRO B 394 -15.98 16.61 -23.07
N LEU B 395 -16.86 16.44 -22.09
CA LEU B 395 -16.60 16.90 -20.74
C LEU B 395 -15.86 15.87 -19.91
N THR B 396 -16.30 14.62 -19.97
CA THR B 396 -15.60 13.58 -19.23
C THR B 396 -14.24 13.30 -19.84
N MET B 397 -14.05 13.53 -21.14
CA MET B 397 -12.70 13.38 -21.69
C MET B 397 -11.76 14.49 -21.24
N ILE B 398 -12.27 15.71 -21.10
CA ILE B 398 -11.46 16.82 -20.59
C ILE B 398 -11.06 16.54 -19.14
N MET B 399 -12.02 16.07 -18.33
CA MET B 399 -11.70 15.82 -16.93
C MET B 399 -10.85 14.55 -16.77
N LEU B 400 -10.89 13.67 -17.77
CA LEU B 400 -10.10 12.45 -17.72
C LEU B 400 -8.64 12.73 -18.04
N PHE B 401 -8.37 13.51 -19.07
CA PHE B 401 -6.98 13.83 -19.39
C PHE B 401 -6.39 14.88 -18.47
N SER B 402 -7.18 15.47 -17.58
CA SER B 402 -6.71 16.30 -16.48
C SER B 402 -6.35 15.43 -15.28
N GLY B 403 -6.30 16.03 -14.09
CA GLY B 403 -5.80 15.41 -12.87
C GLY B 403 -6.38 14.09 -12.41
N ASP B 404 -5.81 13.57 -11.32
CA ASP B 404 -5.95 12.18 -10.90
C ASP B 404 -7.21 11.98 -10.04
N LEU B 405 -7.25 10.82 -9.37
CA LEU B 405 -8.42 10.43 -8.57
C LEU B 405 -8.63 11.34 -7.36
N ASP B 406 -7.54 11.72 -6.69
CA ASP B 406 -7.65 12.46 -5.45
C ASP B 406 -8.13 13.88 -5.66
N SER B 407 -7.96 14.44 -6.87
CA SER B 407 -8.56 15.71 -7.20
C SER B 407 -10.02 15.58 -7.60
N LEU B 408 -10.34 14.56 -8.38
CA LEU B 408 -11.69 14.40 -8.91
C LEU B 408 -12.70 13.99 -7.85
N LEU B 409 -12.31 13.13 -6.89
CA LEU B 409 -13.21 12.81 -5.78
C LEU B 409 -13.58 14.04 -4.97
N ASN B 410 -12.61 14.89 -4.67
CA ASN B 410 -12.90 16.10 -3.93
C ASN B 410 -13.75 17.06 -4.74
N PHE B 411 -13.39 17.24 -6.01
CA PHE B 411 -14.05 18.18 -6.90
C PHE B 411 -15.50 17.81 -7.16
N LEU B 412 -15.82 16.52 -7.19
CA LEU B 412 -17.23 16.16 -7.32
C LEU B 412 -17.94 16.10 -5.98
N SER B 413 -17.27 15.62 -4.93
CA SER B 413 -17.91 15.35 -3.67
C SER B 413 -18.33 16.61 -2.94
N PHE B 414 -17.60 17.71 -3.16
CA PHE B 414 -17.99 19.01 -2.62
C PHE B 414 -19.42 19.38 -3.04
N ALA B 415 -19.66 19.46 -4.34
CA ALA B 415 -20.96 19.86 -4.87
C ALA B 415 -22.02 18.81 -4.59
N ARG B 416 -21.65 17.53 -4.67
CA ARG B 416 -22.63 16.46 -4.50
C ARG B 416 -23.18 16.42 -3.09
N TRP B 417 -22.31 16.45 -2.08
CA TRP B 417 -22.84 16.38 -0.73
C TRP B 417 -23.36 17.71 -0.25
N LEU B 418 -22.93 18.83 -0.86
CA LEU B 418 -23.58 20.11 -0.58
C LEU B 418 -25.05 20.09 -1.00
N PHE B 419 -25.35 19.59 -2.20
CA PHE B 419 -26.73 19.61 -2.63
C PHE B 419 -27.58 18.51 -2.00
N ILE B 420 -27.01 17.36 -1.68
CA ILE B 420 -27.80 16.38 -0.95
C ILE B 420 -28.09 16.86 0.48
N GLY B 421 -27.15 17.56 1.11
CA GLY B 421 -27.42 18.16 2.40
C GLY B 421 -28.47 19.25 2.35
N LEU B 422 -28.48 20.06 1.29
CA LEU B 422 -29.52 21.05 1.13
C LEU B 422 -30.90 20.40 0.96
N ALA B 423 -30.98 19.31 0.19
CA ALA B 423 -32.28 18.67 -0.02
C ALA B 423 -32.80 18.01 1.25
N VAL B 424 -31.93 17.36 2.02
CA VAL B 424 -32.42 16.75 3.25
C VAL B 424 -32.65 17.76 4.35
N ALA B 425 -32.08 18.97 4.26
CA ALA B 425 -32.54 20.03 5.16
C ALA B 425 -33.89 20.55 4.72
N GLY B 426 -34.12 20.61 3.40
CA GLY B 426 -35.41 21.04 2.91
C GLY B 426 -36.53 20.07 3.26
N LEU B 427 -36.19 18.80 3.48
CA LEU B 427 -37.17 17.86 4.01
C LEU B 427 -37.69 18.31 5.37
N ILE B 428 -36.79 18.74 6.25
CA ILE B 428 -37.19 19.21 7.58
C ILE B 428 -37.99 20.51 7.45
N TYR B 429 -37.53 21.42 6.60
CA TYR B 429 -38.20 22.70 6.40
C TYR B 429 -39.60 22.53 5.83
N LEU B 430 -39.81 21.49 5.03
CA LEU B 430 -41.16 21.17 4.57
C LEU B 430 -41.95 20.38 5.61
N ARG B 431 -41.27 19.68 6.52
CA ARG B 431 -41.98 18.92 7.54
C ARG B 431 -42.58 19.82 8.60
N TYR B 432 -41.91 20.90 8.96
CA TYR B 432 -42.40 21.76 10.04
C TYR B 432 -43.16 22.97 9.56
N LYS B 433 -42.73 23.62 8.48
CA LYS B 433 -43.37 24.85 8.04
C LYS B 433 -44.46 24.60 7.00
N CYS B 434 -44.92 23.37 6.89
CA CYS B 434 -46.11 23.01 6.11
C CYS B 434 -46.62 21.69 6.68
N PRO B 435 -47.38 21.72 7.79
CA PRO B 435 -47.75 20.46 8.47
C PRO B 435 -48.86 19.69 7.76
N ASP B 436 -49.38 20.19 6.65
CA ASP B 436 -50.26 19.42 5.77
C ASP B 436 -49.38 18.63 4.79
N MET B 437 -49.98 18.16 3.69
CA MET B 437 -49.33 17.30 2.68
C MET B 437 -48.87 16.01 3.34
N HIS B 438 -49.84 15.13 3.61
CA HIS B 438 -49.73 13.95 4.46
C HIS B 438 -48.57 13.02 4.06
N ARG B 439 -48.21 12.16 5.00
CA ARG B 439 -47.04 11.30 4.92
C ARG B 439 -47.48 9.84 4.92
N PRO B 440 -47.13 9.05 3.89
CA PRO B 440 -47.38 7.61 3.97
C PRO B 440 -46.52 6.91 5.00
N PHE B 441 -45.32 7.44 5.26
CA PHE B 441 -44.53 7.05 6.43
C PHE B 441 -43.62 8.21 6.80
N LYS B 442 -43.18 8.21 8.05
CA LYS B 442 -42.36 9.27 8.60
C LYS B 442 -41.08 8.69 9.22
N VAL B 443 -40.10 9.56 9.38
CA VAL B 443 -38.88 9.24 10.09
C VAL B 443 -38.81 10.13 11.32
N PRO B 444 -38.04 9.75 12.34
CA PRO B 444 -37.81 10.66 13.47
C PRO B 444 -37.09 11.93 13.05
N LEU B 445 -37.31 12.96 13.85
CA LEU B 445 -36.80 14.29 13.55
C LEU B 445 -35.28 14.39 13.66
N PHE B 446 -34.64 13.45 14.35
CA PHE B 446 -33.20 13.51 14.52
C PHE B 446 -32.43 12.94 13.33
N ILE B 447 -33.03 12.04 12.55
CA ILE B 447 -32.33 11.35 11.47
C ILE B 447 -31.89 12.29 10.34
N PRO B 448 -32.78 13.06 9.66
CA PRO B 448 -32.24 13.95 8.61
C PRO B 448 -31.52 15.15 9.16
N ALA B 449 -31.81 15.55 10.41
CA ALA B 449 -31.06 16.61 11.05
C ALA B 449 -29.61 16.21 11.24
N LEU B 450 -29.38 14.99 11.72
CA LEU B 450 -28.02 14.51 11.91
C LEU B 450 -27.31 14.33 10.57
N PHE B 451 -28.01 13.80 9.56
CA PHE B 451 -27.38 13.59 8.26
C PHE B 451 -26.98 14.91 7.61
N SER B 452 -27.89 15.89 7.60
CA SER B 452 -27.59 17.20 7.04
C SER B 452 -26.51 17.94 7.83
N PHE B 453 -26.47 17.77 9.15
CA PHE B 453 -25.46 18.44 9.96
C PHE B 453 -24.07 17.88 9.64
N THR B 454 -23.93 16.56 9.56
CA THR B 454 -22.64 15.96 9.20
C THR B 454 -22.23 16.33 7.78
N CYS B 455 -23.19 16.33 6.85
CA CYS B 455 -22.89 16.67 5.45
C CYS B 455 -22.35 18.08 5.33
N LEU B 456 -23.06 19.05 5.88
CA LEU B 456 -22.63 20.43 5.75
C LEU B 456 -21.40 20.76 6.58
N PHE B 457 -21.19 20.11 7.72
CA PHE B 457 -19.95 20.38 8.46
C PHE B 457 -18.74 19.80 7.74
N MET B 458 -18.85 18.60 7.16
CA MET B 458 -17.71 18.03 6.45
C MET B 458 -17.42 18.79 5.17
N VAL B 459 -18.47 19.23 4.46
CA VAL B 459 -18.26 20.04 3.26
C VAL B 459 -17.67 21.40 3.61
N ALA B 460 -18.09 22.04 4.69
CA ALA B 460 -17.51 23.32 5.10
C ALA B 460 -16.08 23.19 5.60
N LEU B 461 -15.77 22.13 6.35
CA LEU B 461 -14.39 21.93 6.82
C LEU B 461 -13.47 21.54 5.66
N SER B 462 -14.02 20.93 4.61
CA SER B 462 -13.26 20.56 3.42
C SER B 462 -12.69 21.74 2.66
N LEU B 463 -13.03 22.98 2.98
CA LEU B 463 -12.37 24.12 2.37
C LEU B 463 -11.04 24.45 3.04
N TYR B 464 -10.84 24.04 4.30
CA TYR B 464 -9.52 24.15 4.91
C TYR B 464 -8.60 23.02 4.49
N SER B 465 -9.17 21.87 4.15
CA SER B 465 -8.46 20.90 3.32
C SER B 465 -8.40 21.43 1.89
N ASP B 466 -7.66 20.70 1.02
CA ASP B 466 -7.01 21.19 -0.21
C ASP B 466 -7.90 22.05 -1.09
N PRO B 467 -7.70 23.37 -1.06
CA PRO B 467 -8.72 24.29 -1.56
C PRO B 467 -8.52 24.68 -3.00
N PHE B 468 -7.41 24.29 -3.63
CA PHE B 468 -7.21 24.57 -5.04
C PHE B 468 -7.82 23.49 -5.91
N SER B 469 -8.45 22.48 -5.30
CA SER B 469 -9.17 21.43 -6.01
C SER B 469 -10.65 21.39 -5.68
N THR B 470 -11.05 21.89 -4.51
CA THR B 470 -12.46 22.02 -4.14
C THR B 470 -12.96 23.45 -4.30
N GLY B 471 -12.06 24.42 -4.27
CA GLY B 471 -12.48 25.80 -4.43
C GLY B 471 -12.93 26.12 -5.83
N ILE B 472 -12.49 25.32 -6.81
CA ILE B 472 -13.01 25.49 -8.17
C ILE B 472 -14.45 25.02 -8.27
N GLY B 473 -14.86 24.05 -7.46
CA GLY B 473 -16.27 23.69 -7.42
C GLY B 473 -17.10 24.78 -6.77
N PHE B 474 -16.54 25.45 -5.76
CA PHE B 474 -17.21 26.57 -5.12
C PHE B 474 -17.34 27.75 -6.05
N VAL B 475 -16.31 28.04 -6.84
CA VAL B 475 -16.42 29.14 -7.78
C VAL B 475 -17.33 28.78 -8.96
N ILE B 476 -17.47 27.49 -9.29
CA ILE B 476 -18.43 27.16 -10.33
C ILE B 476 -19.87 27.26 -9.80
N THR B 477 -20.13 26.78 -8.58
CA THR B 477 -21.48 26.96 -8.06
C THR B 477 -21.78 28.40 -7.66
N LEU B 478 -20.78 29.27 -7.58
CA LEU B 478 -21.04 30.69 -7.42
C LEU B 478 -21.08 31.46 -8.74
N THR B 479 -20.57 30.89 -9.83
CA THR B 479 -20.91 31.38 -11.16
C THR B 479 -22.18 30.75 -11.69
N GLY B 480 -22.81 29.90 -10.89
CA GLY B 480 -24.15 29.45 -11.22
C GLY B 480 -25.17 30.58 -11.26
N VAL B 481 -25.03 31.54 -10.36
CA VAL B 481 -26.00 32.63 -10.23
C VAL B 481 -25.78 33.72 -11.30
N PRO B 482 -24.55 34.06 -11.73
CA PRO B 482 -24.44 34.84 -12.98
C PRO B 482 -24.77 34.08 -14.25
N ALA B 483 -25.12 32.80 -14.19
CA ALA B 483 -25.61 32.09 -15.36
C ALA B 483 -27.11 31.87 -15.30
N TYR B 484 -27.77 32.33 -14.22
CA TYR B 484 -29.20 32.13 -14.05
C TYR B 484 -30.00 33.29 -14.64
N TYR B 485 -29.66 34.52 -14.24
CA TYR B 485 -30.41 35.68 -14.70
C TYR B 485 -30.11 35.97 -16.16
N LEU B 486 -28.97 35.50 -16.65
CA LEU B 486 -28.65 35.68 -18.07
C LEU B 486 -29.47 34.78 -18.97
N PHE B 487 -29.97 33.66 -18.46
CA PHE B 487 -30.61 32.66 -19.30
C PHE B 487 -32.04 32.33 -18.91
N ILE B 488 -32.48 32.70 -17.71
CA ILE B 488 -33.83 32.42 -17.27
C ILE B 488 -34.62 33.70 -17.05
N ILE B 489 -34.15 34.58 -16.18
CA ILE B 489 -34.86 35.83 -15.94
C ILE B 489 -34.35 36.87 -16.92
N TRP B 490 -34.82 36.80 -18.17
CA TRP B 490 -34.58 37.76 -19.24
C TRP B 490 -35.44 37.37 -20.43
N ASP B 491 -35.61 38.31 -21.34
CA ASP B 491 -36.45 38.12 -22.52
C ASP B 491 -35.72 38.61 -23.78
N LYS B 492 -34.91 37.72 -24.35
CA LYS B 492 -34.31 37.85 -25.70
C LYS B 492 -33.47 39.12 -25.83
N LYS B 493 -32.35 39.11 -25.08
CA LYS B 493 -31.55 40.32 -24.90
C LYS B 493 -30.95 40.85 -26.21
N PRO B 494 -30.30 40.03 -27.10
CA PRO B 494 -30.29 40.44 -28.51
C PRO B 494 -31.39 39.79 -29.33
N ARG B 495 -31.50 40.22 -30.58
CA ARG B 495 -32.09 39.41 -31.63
C ARG B 495 -31.02 38.78 -32.51
N TRP B 496 -29.75 39.07 -32.23
CA TRP B 496 -28.58 38.43 -32.79
C TRP B 496 -28.33 37.11 -32.20
N PHE B 497 -29.06 36.81 -31.12
CA PHE B 497 -28.81 35.65 -30.27
C PHE B 497 -29.84 34.56 -30.50
N ARG B 498 -31.13 34.89 -30.52
CA ARG B 498 -32.16 33.88 -30.71
C ARG B 498 -32.13 33.30 -32.12
N ILE B 499 -31.89 34.15 -33.13
CA ILE B 499 -31.90 33.72 -34.51
C ILE B 499 -30.61 32.95 -34.81
N MET B 500 -29.55 33.27 -34.08
CA MET B 500 -28.35 32.45 -34.16
C MET B 500 -28.56 31.08 -33.52
N SER B 501 -29.16 31.03 -32.32
CA SER B 501 -29.34 29.79 -31.60
C SER B 501 -30.43 28.90 -32.21
N GLU B 502 -31.33 29.47 -33.00
CA GLU B 502 -32.33 28.65 -33.68
C GLU B 502 -31.69 27.79 -34.77
N LYS B 503 -30.74 28.37 -35.53
CA LYS B 503 -30.07 27.61 -36.57
C LYS B 503 -29.15 26.56 -35.99
N ILE B 504 -28.64 26.80 -34.78
CA ILE B 504 -27.83 25.81 -34.07
C ILE B 504 -28.65 24.56 -33.77
N THR B 505 -29.80 24.74 -33.11
CA THR B 505 -30.70 23.65 -32.81
C THR B 505 -31.20 22.96 -34.06
N ARG B 506 -31.48 23.73 -35.11
CA ARG B 506 -31.96 23.15 -36.36
C ARG B 506 -30.90 22.28 -37.01
N THR B 507 -29.67 22.79 -37.10
CA THR B 507 -28.61 22.06 -37.80
C THR B 507 -28.22 20.79 -37.05
N LEU B 508 -28.10 20.88 -35.73
CA LEU B 508 -27.64 19.66 -35.06
C LEU B 508 -28.78 18.71 -34.77
N GLN B 509 -30.03 19.19 -34.77
CA GLN B 509 -31.16 18.27 -34.79
C GLN B 509 -31.24 17.52 -36.10
N ILE B 510 -30.97 18.21 -37.20
CA ILE B 510 -30.93 17.55 -38.50
C ILE B 510 -29.79 16.54 -38.58
N ILE B 511 -28.62 16.89 -38.05
CA ILE B 511 -27.47 15.98 -38.10
C ILE B 511 -27.71 14.75 -37.24
N LEU B 512 -28.15 14.94 -36.00
CA LEU B 512 -28.33 13.80 -35.10
C LEU B 512 -29.60 12.99 -35.38
N GLU B 513 -30.54 13.53 -36.17
CA GLU B 513 -31.86 12.93 -36.45
C GLU B 513 -32.64 12.64 -35.16
N VAL B 514 -32.91 13.68 -34.39
CA VAL B 514 -33.54 13.53 -33.08
C VAL B 514 -34.86 14.29 -33.03
N VAL B 515 -35.87 13.70 -32.39
CA VAL B 515 -37.20 14.29 -32.28
C VAL B 515 -37.60 14.28 -30.82
N PRO B 516 -38.50 15.17 -30.37
CA PRO B 516 -38.88 15.15 -28.95
C PRO B 516 -39.94 14.13 -28.60
N GLU B 517 -40.42 13.41 -29.63
CA GLU B 517 -41.55 12.45 -29.60
C GLU B 517 -42.72 12.82 -28.69
C1 NAG C . 25.14 8.89 29.50
C2 NAG C . 26.53 8.55 28.98
C3 NAG C . 27.60 9.16 29.87
C4 NAG C . 27.39 10.66 29.98
C5 NAG C . 25.97 10.96 30.48
C6 NAG C . 25.63 12.43 30.47
C7 NAG C . 27.09 6.52 27.72
C8 NAG C . 27.24 5.04 27.77
N2 NAG C . 26.71 7.11 28.86
O3 NAG C . 28.89 8.86 29.36
O4 NAG C . 28.36 11.23 30.85
O5 NAG C . 25.01 10.32 29.62
O6 NAG C . 25.78 12.99 29.17
O7 NAG C . 27.30 7.16 26.70
C1 NAG C . 29.25 12.09 30.10
C2 NAG C . 30.06 12.97 31.06
C3 NAG C . 31.10 13.79 30.30
C4 NAG C . 31.92 12.92 29.35
C5 NAG C . 31.00 12.10 28.46
C6 NAG C . 31.74 11.14 27.56
C7 NAG C . 28.52 13.46 32.92
C8 NAG C . 27.66 14.52 33.57
N2 NAG C . 29.19 13.85 31.83
O3 NAG C . 31.96 14.44 31.21
O4 NAG C . 32.74 13.75 28.53
O5 NAG C . 30.12 11.31 29.28
O6 NAG C . 31.46 9.78 27.91
O7 NAG C . 28.59 12.31 33.36
C1 NAG D . 27.16 -34.15 -2.18
C2 NAG D . 26.03 -34.17 -3.22
C3 NAG D . 26.59 -34.19 -4.67
C4 NAG D . 27.98 -34.82 -4.81
C5 NAG D . 28.90 -34.53 -3.62
C6 NAG D . 30.24 -33.93 -4.02
C7 NAG D . 23.82 -35.21 -3.04
C8 NAG D . 23.05 -36.48 -2.79
N2 NAG D . 25.15 -35.30 -3.00
O3 NAG D . 26.61 -32.85 -5.16
O4 NAG D . 27.89 -36.20 -5.15
O5 NAG D . 28.29 -33.59 -2.73
O6 NAG D . 30.57 -32.83 -3.21
O7 NAG D . 23.25 -34.15 -3.27
C1 NAG D . 27.83 -37.21 -4.10
C2 NAG D . 26.85 -38.32 -4.49
C3 NAG D . 26.80 -39.39 -3.40
C4 NAG D . 28.19 -39.91 -3.08
C5 NAG D . 29.13 -38.75 -2.75
C6 NAG D . 30.56 -39.19 -2.55
C7 NAG D . 24.76 -38.08 -5.82
C8 NAG D . 25.34 -39.04 -6.81
N2 NAG D . 25.52 -37.77 -4.75
O3 NAG D . 25.96 -40.45 -3.83
O4 NAG D . 28.14 -40.80 -1.98
O5 NAG D . 29.13 -37.80 -3.82
O6 NAG D . 31.36 -38.14 -2.02
O7 NAG D . 23.64 -37.59 -5.97
C1 NAG E . 43.11 -17.88 15.68
C2 NAG E . 44.34 -16.98 15.68
C3 NAG E . 45.60 -17.82 15.86
C4 NAG E . 45.52 -18.58 17.17
C5 NAG E . 44.26 -19.44 17.23
C6 NAG E . 43.99 -20.00 18.62
C7 NAG E . 44.49 -14.85 14.48
C8 NAG E . 44.57 -14.18 13.14
N2 NAG E . 44.43 -16.19 14.46
O3 NAG E . 46.73 -16.98 15.83
O4 NAG E . 46.73 -19.29 17.42
O5 NAG E . 43.09 -18.66 16.91
O6 NAG E . 44.44 -19.12 19.62
O7 NAG E . 44.47 -14.21 15.53
C1 NAG E . 46.99 -20.50 16.67
C2 NAG E . 48.44 -20.52 16.21
C3 NAG E . 48.76 -21.87 15.55
C4 NAG E . 48.42 -23.01 16.50
C5 NAG E . 46.97 -22.91 16.94
C6 NAG E . 46.58 -23.93 17.99
C7 NAG E . 49.67 -18.53 15.49
C8 NAG E . 49.81 -17.47 14.42
N2 NAG E . 48.72 -19.44 15.28
O3 NAG E . 50.14 -21.92 15.21
O4 NAG E . 48.62 -24.27 15.86
O5 NAG E . 46.72 -21.62 17.52
O6 NAG E . 45.75 -23.35 18.99
O7 NAG E . 50.40 -18.56 16.47
C1 NAG F . 39.45 -6.86 -9.67
C2 NAG F . 39.68 -8.17 -10.47
C3 NAG F . 39.15 -8.03 -11.91
C4 NAG F . 39.61 -6.73 -12.56
C5 NAG F . 39.42 -5.53 -11.62
C6 NAG F . 38.63 -4.41 -12.23
C7 NAG F . 41.52 -9.72 -10.05
C8 NAG F . 43.00 -9.92 -10.11
N2 NAG F . 41.08 -8.53 -10.47
O3 NAG F . 37.74 -8.10 -11.91
O4 NAG F . 40.99 -6.81 -12.92
O5 NAG F . 38.71 -5.95 -10.45
O6 NAG F . 38.26 -3.45 -11.25
O7 NAG F . 40.77 -10.58 -9.63
C1 NAG F . 41.13 -7.56 -14.15
C2 NAG F . 41.79 -6.68 -15.23
C3 NAG F . 42.00 -7.50 -16.51
C4 NAG F . 42.82 -8.76 -16.21
C5 NAG F . 42.14 -9.58 -15.10
C6 NAG F . 42.98 -10.75 -14.66
C7 NAG F . 41.31 -4.29 -15.05
C8 NAG F . 40.37 -3.19 -15.44
N2 NAG F . 40.99 -5.50 -15.51
O3 NAG F . 42.67 -6.70 -17.47
O4 NAG F . 42.95 -9.55 -17.38
O5 NAG F . 41.94 -8.76 -13.94
O6 NAG F . 44.05 -10.33 -13.83
O7 NAG F . 42.29 -4.10 -14.34
C10 J9O G . -34.55 -0.58 -14.81
C13 J9O G . -34.55 2.25 -13.18
C15 J9O G . -32.95 -0.47 -15.45
C17 J9O G . -34.86 2.68 -10.87
C20 J9O G . -35.15 2.18 -9.45
C21 J9O G . -31.50 0.28 -17.06
C22 J9O G . -30.46 -0.33 -16.41
C24 J9O G . -31.26 1.00 -18.23
C26 J9O G . -29.19 -0.24 -16.94
C28 J9O G . -28.95 0.47 -18.09
C11 J9O G . -35.00 1.13 -14.36
C12 J9O G . -35.32 -0.34 -13.16
C14 J9O G . -35.00 0.47 -11.72
C16 J9O G . -35.66 -1.06 -16.04
C18 J9O G . -30.70 -1.03 -15.26
C19 J9O G . -32.27 -1.82 -13.58
C23 J9O G . -32.11 -1.20 -12.34
C25 J9O G . -32.74 -3.12 -13.65
C27 J9O G . -29.99 1.09 -18.75
C29 J9O G . -32.43 -1.89 -11.19
C30 J9O G . -33.07 -3.80 -12.50
C31 J9O G . -32.91 -3.18 -11.27
C32 J9O G . -36.89 1.45 -8.07
C33 J9O G . -30.65 0.34 -11.31
C34 J9O G . -37.76 0.34 -8.02
C35 J9O G . -36.38 2.01 -6.88
C36 J9O G . -29.36 -0.36 -11.71
C37 J9O G . -38.11 -0.22 -6.78
C38 J9O G . -36.73 1.45 -5.63
C39 J9O G . -37.60 0.33 -5.57
N06 J9O G . -34.90 0.20 -14.08
N07 J9O G . -34.80 1.74 -12.01
N08 J9O G . -31.94 -1.10 -14.79
N09 J9O G . -32.72 0.21 -16.59
O02 J9O G . -34.70 3.84 -11.01
O03 J9O G . -36.53 2.01 -9.31
O04 J9O G . -29.82 -1.58 -14.69
O05 J9O G . -31.63 0.12 -12.28
CL1 J9O G . -38.05 -0.37 -4.01
O1 PX8 H . -25.76 4.59 -38.77
O2 PX8 H . -28.02 4.88 -37.64
P1 PX8 H . -26.74 5.53 -38.11
O3 PX8 H . -26.91 6.85 -38.80
O4 PX8 H . -26.00 5.93 -36.73
C1 PX8 H . -26.69 6.69 -35.76
C2 PX8 H . -25.64 7.43 -34.95
C3 PX8 H . -24.79 6.43 -34.15
O5 PX8 H . -24.11 7.14 -33.10
C4 PX8 H . -22.71 6.89 -32.81
O6 PX8 H . -22.02 6.34 -33.65
C5 PX8 H . -22.14 7.31 -31.48
C6 PX8 H . -22.18 8.83 -31.37
C7 PX8 H . -20.78 9.42 -31.40
C8 PX8 H . -20.38 10.07 -30.07
C9 PX8 H . -19.41 11.22 -30.30
C10 PX8 H . -19.33 12.09 -29.06
C11 PX8 H . -18.82 13.48 -29.38
C12 PX8 H . -17.33 13.46 -29.70
C13 PX8 H . -16.74 14.85 -29.52
C14 PX8 H . -15.23 14.84 -29.74
C15 PX8 H . -14.57 16.12 -29.24
C16 PX8 H . -13.15 16.25 -29.77
C17 PX8 H . -13.14 16.75 -31.21
C18 PX8 H . -11.76 16.64 -31.84
C19 PX8 H . -10.73 17.48 -31.07
C20 PX8 H . -9.32 17.19 -31.56
C21 PX8 H . -8.30 17.83 -30.65
O7 PX8 H . -24.78 8.09 -35.88
C22 PX8 H . -25.00 9.52 -35.92
O8 PX8 H . -25.95 10.00 -35.32
C23 PX8 H . -24.04 10.37 -36.70
C24 PX8 H . -24.02 11.78 -36.13
C25 PX8 H . -23.23 11.83 -34.84
C26 PX8 H . -21.73 11.86 -35.12
C27 PX8 H . -20.97 12.18 -33.85
C28 PX8 H . -19.74 13.03 -34.14
C29 PX8 H . -19.71 14.31 -33.30
C30 PX8 H . -21.06 15.02 -33.30
C31 PX8 H . -20.92 16.53 -33.42
C32 PX8 H . -22.24 17.22 -33.14
C33 PX8 H . -22.11 18.75 -33.15
C34 PX8 H . -20.94 19.21 -32.30
C35 PX8 H . -21.30 20.35 -31.37
C36 PX8 H . -20.15 20.63 -30.41
C37 PX8 H . -19.84 19.39 -29.57
C38 PX8 H . -18.37 19.38 -29.14
C39 PX8 H . -18.09 20.52 -28.17
O1 PX8 I . -34.39 26.39 -26.06
O2 PX8 I . -34.75 28.90 -25.90
P1 PX8 I . -34.35 27.63 -25.20
O3 PX8 I . -34.99 27.45 -23.85
O4 PX8 I . -32.80 27.83 -24.88
C1 PX8 I . -32.31 29.08 -24.37
C2 PX8 I . -30.87 28.89 -23.91
C3 PX8 I . -30.89 28.09 -22.61
O5 PX8 I . -29.56 27.78 -22.17
C4 PX8 I . -29.40 27.01 -20.95
O6 PX8 I . -30.40 26.48 -20.48
C5 PX8 I . -28.07 26.89 -20.26
C6 PX8 I . -26.99 26.32 -21.16
C7 PX8 I . -25.65 26.37 -20.43
C8 PX8 I . -24.44 26.05 -21.30
C9 PX8 I . -23.17 26.57 -20.64
C10 PX8 I . -21.90 25.85 -21.08
C11 PX8 I . -20.68 26.52 -20.45
C12 PX8 I . -19.40 25.71 -20.62
C13 PX8 I . -18.22 26.41 -19.95
C14 PX8 I . -16.93 25.57 -19.99
C15 PX8 I . -16.82 24.62 -18.81
C16 PX8 I . -15.57 23.75 -18.88
C17 PX8 I . -15.40 22.90 -17.63
C18 PX8 I . -14.05 22.19 -17.62
C19 PX8 I . -13.68 21.69 -16.22
C20 PX8 I . -13.67 22.82 -15.20
C21 PX8 I . -12.50 23.75 -15.41
O7 PX8 I . -30.17 28.14 -24.91
C22 PX8 I . -28.82 28.62 -25.14
O8 PX8 I . -28.31 29.38 -24.35
C23 PX8 I . -28.06 28.15 -26.36
C24 PX8 I . -26.55 28.34 -26.14
C25 PX8 I . -25.91 27.12 -25.49
C26 PX8 I . -24.40 27.30 -25.36
C27 PX8 I . -24.06 28.32 -24.27
C28 PX8 I . -22.63 28.82 -24.40
C29 PX8 I . -22.22 29.58 -23.13
C30 PX8 I . -20.81 30.13 -23.21
C31 PX8 I . -20.17 30.24 -21.83
C32 PX8 I . -18.86 31.02 -21.84
C33 PX8 I . -17.64 30.12 -21.68
C34 PX8 I . -17.19 29.49 -23.00
C35 PX8 I . -17.00 30.54 -24.09
C36 PX8 I . -16.43 29.95 -25.37
C37 PX8 I . -16.28 31.02 -26.45
C38 PX8 I . -15.70 30.45 -27.74
C39 PX8 I . -16.18 31.22 -28.94
#